data_6B2Q
#
_entry.id   6B2Q
#
_cell.length_a   79.065
_cell.length_b   227.432
_cell.length_c   158.606
_cell.angle_alpha   90.00
_cell.angle_beta   90.00
_cell.angle_gamma   90.00
#
_symmetry.space_group_name_H-M   'C 2 2 21'
#
loop_
_entity.id
_entity.type
_entity.pdbx_description
1 polymer 'Serine/threonine-protein kinase PknA'
2 non-polymer 5-{5-chloro-4-[(5-cyclopropyl-1H-pyrazol-3-yl)amino]pyrimidin-2-yl}thiophene-2-sulfonamide
3 non-polymer '3-methyl-1-(2-methylpropyl)butyl 4-O-beta-L-gulopyranosyl-beta-D-glucopyranoside'
#
_entity_poly.entity_id   1
_entity_poly.type   'polypeptide(L)'
_entity_poly.pdbx_seq_one_letter_code
;MGSSHHHHHHSSGLVPRGSLHMSPRVGVTLSGRYRLQRLIATGGMGQVWEAVDNRLGRRVAVKVLKSEFSSDPEFIERFR
AEARTTAMLNHPGIASVHDYGESQMNGEGRTAYLVMELVNGEPLNSVLKRTGRLSLRHALDMLEQTGRALQIAHAAGLVH
RDVKPGNILITPTGQVKITDFGIAKAVDAAPVTQTGMVMGTAQYIAPEQALGHDASPASDVYSLGVVGYEAVSGKRPFAG
DGAL(TPO)VAMKHIKEPPPPLPPDLPPNVRELIEITLVKNPAMRYRSGGPFADAVAAVRAGRRPPRPSQTPPPGRAAPA
A
;
_entity_poly.pdbx_strand_id   A,B,C,D
#
loop_
_chem_comp.id
_chem_comp.type
_chem_comp.name
_chem_comp.formula
0BD D-saccharide '3-methyl-1-(2-methylpropyl)butyl 4-O-beta-L-gulopyranosyl-beta-D-glucopyranoside' 'C21 H40 O11'
CJJ non-polymer 5-{5-chloro-4-[(5-cyclopropyl-1H-pyrazol-3-yl)amino]pyrimidin-2-yl}thiophene-2-sulfonamide 'C14 H13 Cl N6 O2 S2'
#
# COMPACT_ATOMS: atom_id res chain seq x y z
N PRO A 24 5.96 -15.19 -20.70
CA PRO A 24 6.86 -15.37 -19.55
C PRO A 24 6.09 -15.49 -18.23
N ARG A 25 5.71 -16.73 -17.85
CA ARG A 25 4.92 -17.11 -16.67
C ARG A 25 5.42 -16.55 -15.30
N VAL A 26 4.53 -16.57 -14.27
CA VAL A 26 4.66 -16.05 -12.89
C VAL A 26 5.99 -16.48 -12.21
N GLY A 27 5.93 -17.45 -11.29
CA GLY A 27 7.05 -17.95 -10.48
C GLY A 27 8.47 -17.82 -10.98
N VAL A 28 8.67 -18.03 -12.31
CA VAL A 28 9.91 -17.98 -13.10
C VAL A 28 11.01 -17.09 -12.51
N THR A 29 12.20 -17.65 -12.32
CA THR A 29 13.38 -16.96 -11.82
C THR A 29 14.29 -16.80 -13.02
N LEU A 30 14.53 -15.55 -13.42
CA LEU A 30 15.36 -15.21 -14.58
C LEU A 30 16.82 -15.29 -14.24
N SER A 31 17.57 -16.04 -15.06
CA SER A 31 19.02 -16.30 -14.94
C SER A 31 19.44 -16.76 -13.53
N GLY A 32 18.49 -17.37 -12.82
CA GLY A 32 18.64 -17.87 -11.44
C GLY A 32 18.77 -16.76 -10.41
N ARG A 33 18.31 -15.53 -10.76
CA ARG A 33 18.42 -14.33 -9.92
C ARG A 33 17.14 -13.47 -9.79
N TYR A 34 16.41 -13.23 -10.90
CA TYR A 34 15.25 -12.36 -10.89
C TYR A 34 13.92 -13.09 -10.93
N ARG A 35 13.31 -13.29 -9.76
CA ARG A 35 12.03 -13.97 -9.60
C ARG A 35 10.86 -13.05 -10.00
N LEU A 36 10.13 -13.38 -11.07
CA LEU A 36 8.96 -12.61 -11.53
C LEU A 36 7.79 -12.87 -10.58
N GLN A 37 7.17 -11.80 -10.04
CA GLN A 37 6.09 -11.96 -9.06
C GLN A 37 4.70 -11.60 -9.57
N ARG A 38 4.52 -10.35 -10.04
CA ARG A 38 3.21 -9.86 -10.46
C ARG A 38 3.27 -9.00 -11.71
N LEU A 39 2.45 -9.35 -12.72
CA LEU A 39 2.37 -8.62 -13.98
C LEU A 39 1.73 -7.24 -13.73
N ILE A 40 2.58 -6.21 -13.74
CA ILE A 40 2.21 -4.82 -13.52
C ILE A 40 1.43 -4.28 -14.73
N ALA A 41 1.97 -4.48 -15.95
CA ALA A 41 1.43 -3.96 -17.20
C ALA A 41 1.86 -4.79 -18.41
N THR A 42 1.18 -4.57 -19.56
CA THR A 42 1.49 -5.24 -20.83
C THR A 42 1.56 -4.18 -21.96
N GLY A 43 2.77 -3.79 -22.34
CA GLY A 43 3.01 -2.83 -23.41
C GLY A 43 2.82 -3.43 -24.80
N GLY A 44 3.59 -2.93 -25.77
CA GLY A 44 3.55 -3.39 -27.16
C GLY A 44 4.53 -4.51 -27.46
N MET A 45 5.80 -4.30 -27.08
CA MET A 45 6.91 -5.25 -27.27
C MET A 45 6.98 -6.25 -26.13
N GLY A 46 6.85 -5.75 -24.89
CA GLY A 46 6.97 -6.59 -23.70
C GLY A 46 6.01 -6.34 -22.55
N GLN A 47 6.21 -7.13 -21.49
CA GLN A 47 5.45 -7.12 -20.24
C GLN A 47 6.27 -6.50 -19.10
N VAL A 48 5.62 -5.68 -18.24
CA VAL A 48 6.26 -5.04 -17.09
C VAL A 48 5.86 -5.87 -15.86
N TRP A 49 6.86 -6.45 -15.17
CA TRP A 49 6.67 -7.32 -14.00
C TRP A 49 7.27 -6.77 -12.73
N GLU A 50 6.56 -6.94 -11.62
CA GLU A 50 7.04 -6.63 -10.29
C GLU A 50 7.85 -7.88 -9.94
N ALA A 51 9.14 -7.71 -9.66
CA ALA A 51 10.05 -8.82 -9.41
C ALA A 51 10.96 -8.62 -8.20
N VAL A 52 11.84 -9.62 -7.93
CA VAL A 52 12.80 -9.60 -6.83
C VAL A 52 14.20 -9.98 -7.32
N ASP A 53 15.20 -9.13 -7.03
CA ASP A 53 16.61 -9.41 -7.33
C ASP A 53 17.07 -10.20 -6.12
N ASN A 54 17.23 -11.53 -6.27
CA ASN A 54 17.64 -12.42 -5.18
C ASN A 54 19.06 -12.15 -4.70
N ARG A 55 19.91 -11.59 -5.59
CA ARG A 55 21.29 -11.26 -5.30
C ARG A 55 21.40 -10.01 -4.42
N LEU A 56 20.86 -8.88 -4.88
CA LEU A 56 20.92 -7.62 -4.13
C LEU A 56 19.85 -7.51 -3.05
N GLY A 57 18.90 -8.46 -3.03
CA GLY A 57 17.80 -8.51 -2.08
C GLY A 57 16.84 -7.34 -2.19
N ARG A 58 16.61 -6.80 -3.41
CA ARG A 58 15.72 -5.67 -3.64
C ARG A 58 14.60 -5.98 -4.65
N ARG A 59 13.44 -5.35 -4.44
CA ARG A 59 12.30 -5.48 -5.33
C ARG A 59 12.56 -4.58 -6.54
N VAL A 60 12.58 -5.18 -7.74
CA VAL A 60 12.83 -4.47 -9.01
C VAL A 60 11.64 -4.64 -9.94
N ALA A 61 11.66 -3.93 -11.08
CA ALA A 61 10.67 -4.03 -12.16
C ALA A 61 11.42 -4.65 -13.33
N VAL A 62 10.87 -5.71 -13.94
CA VAL A 62 11.51 -6.39 -15.05
C VAL A 62 10.63 -6.30 -16.29
N LYS A 63 11.17 -5.73 -17.39
CA LYS A 63 10.48 -5.64 -18.67
C LYS A 63 10.90 -6.89 -19.46
N VAL A 64 9.98 -7.85 -19.66
CA VAL A 64 10.28 -9.10 -20.39
C VAL A 64 9.69 -9.07 -21.79
N LEU A 65 10.40 -9.62 -22.78
CA LEU A 65 9.89 -9.69 -24.16
C LEU A 65 8.69 -10.66 -24.21
N LYS A 66 7.58 -10.22 -24.87
CA LYS A 66 6.38 -11.05 -25.09
C LYS A 66 6.79 -12.35 -25.79
N SER A 67 6.30 -13.52 -25.31
CA SER A 67 6.66 -14.84 -25.84
C SER A 67 6.51 -14.97 -27.36
N GLU A 68 5.54 -14.25 -27.95
CA GLU A 68 5.31 -14.28 -29.40
C GLU A 68 6.47 -13.67 -30.19
N PHE A 69 7.08 -12.61 -29.64
CA PHE A 69 8.19 -11.89 -30.28
C PHE A 69 9.57 -12.31 -29.77
N SER A 70 9.62 -13.12 -28.69
CA SER A 70 10.84 -13.58 -28.00
C SER A 70 11.94 -14.14 -28.91
N SER A 71 11.57 -14.72 -30.07
CA SER A 71 12.53 -15.30 -31.00
C SER A 71 12.73 -14.52 -32.31
N ASP A 72 11.85 -13.53 -32.62
CA ASP A 72 11.95 -12.71 -33.82
C ASP A 72 13.13 -11.70 -33.75
N PRO A 73 14.10 -11.76 -34.71
CA PRO A 73 15.26 -10.84 -34.66
C PRO A 73 14.96 -9.35 -34.74
N GLU A 74 13.85 -8.95 -35.41
CA GLU A 74 13.44 -7.55 -35.52
C GLU A 74 13.06 -7.01 -34.15
N PHE A 75 12.24 -7.75 -33.39
CA PHE A 75 11.81 -7.37 -32.05
C PHE A 75 12.94 -7.45 -31.03
N ILE A 76 13.88 -8.42 -31.19
CA ILE A 76 15.06 -8.60 -30.31
C ILE A 76 16.00 -7.38 -30.42
N GLU A 77 16.18 -6.83 -31.63
CA GLU A 77 17.02 -5.66 -31.83
C GLU A 77 16.36 -4.40 -31.26
N ARG A 78 15.03 -4.28 -31.45
CA ARG A 78 14.16 -3.20 -30.99
C ARG A 78 14.18 -3.14 -29.46
N PHE A 79 14.25 -4.33 -28.81
CA PHE A 79 14.29 -4.49 -27.36
C PHE A 79 15.66 -4.15 -26.79
N ARG A 80 16.73 -4.54 -27.52
CA ARG A 80 18.11 -4.26 -27.14
C ARG A 80 18.37 -2.76 -27.20
N ALA A 81 17.80 -2.08 -28.22
CA ALA A 81 17.92 -0.63 -28.42
C ALA A 81 17.23 0.13 -27.30
N GLU A 82 16.01 -0.30 -26.92
CA GLU A 82 15.23 0.27 -25.83
C GLU A 82 16.04 0.17 -24.54
N ALA A 83 16.69 -0.99 -24.29
CA ALA A 83 17.52 -1.25 -23.12
C ALA A 83 18.70 -0.29 -23.07
N ARG A 84 19.39 -0.10 -24.21
CA ARG A 84 20.56 0.77 -24.35
C ARG A 84 20.21 2.26 -24.25
N THR A 85 19.09 2.66 -24.86
CA THR A 85 18.60 4.04 -24.85
C THR A 85 18.24 4.48 -23.43
N THR A 86 17.47 3.67 -22.69
CA THR A 86 17.03 3.98 -21.34
C THR A 86 18.21 4.04 -20.36
N ALA A 87 19.16 3.09 -20.47
CA ALA A 87 20.38 2.97 -19.66
C ALA A 87 21.30 4.18 -19.81
N MET A 88 21.20 4.85 -20.95
CA MET A 88 21.93 6.03 -21.36
C MET A 88 21.48 7.27 -20.54
N LEU A 89 20.23 7.23 -20.00
CA LEU A 89 19.62 8.34 -19.28
C LEU A 89 19.68 8.19 -17.78
N ASN A 90 20.09 9.27 -17.08
CA ASN A 90 20.22 9.32 -15.62
C ASN A 90 19.58 10.59 -15.08
N HIS A 91 18.35 10.47 -14.58
CA HIS A 91 17.56 11.56 -14.04
C HIS A 91 16.45 10.99 -13.17
N PRO A 92 16.13 11.61 -12.01
CA PRO A 92 15.09 11.04 -11.13
C PRO A 92 13.69 10.95 -11.72
N GLY A 93 13.42 11.70 -12.79
CA GLY A 93 12.13 11.71 -13.48
C GLY A 93 11.99 10.68 -14.59
N ILE A 94 13.00 9.81 -14.78
CA ILE A 94 13.03 8.72 -15.78
C ILE A 94 13.35 7.43 -15.01
N ALA A 95 12.58 6.33 -15.24
CA ALA A 95 12.80 5.03 -14.60
C ALA A 95 14.15 4.45 -15.03
N SER A 96 15.03 4.21 -14.04
CA SER A 96 16.41 3.75 -14.22
C SER A 96 16.56 2.30 -14.65
N VAL A 97 17.63 2.02 -15.43
CA VAL A 97 17.98 0.67 -15.88
C VAL A 97 19.11 0.15 -14.99
N HIS A 98 18.96 -1.07 -14.46
CA HIS A 98 19.95 -1.70 -13.59
C HIS A 98 20.77 -2.76 -14.32
N ASP A 99 20.09 -3.61 -15.11
CA ASP A 99 20.67 -4.75 -15.78
C ASP A 99 19.87 -5.14 -17.03
N TYR A 100 20.52 -5.92 -17.93
CA TYR A 100 19.92 -6.47 -19.14
C TYR A 100 20.42 -7.91 -19.32
N GLY A 101 19.51 -8.83 -19.55
CA GLY A 101 19.83 -10.24 -19.73
C GLY A 101 18.92 -10.96 -20.69
N GLU A 102 19.27 -12.23 -21.02
CA GLU A 102 18.50 -13.10 -21.91
C GLU A 102 18.57 -14.52 -21.31
N SER A 103 17.54 -14.89 -20.51
CA SER A 103 17.42 -16.18 -19.83
C SER A 103 16.84 -17.29 -20.71
N THR A 111 14.55 -15.94 -23.55
CA THR A 111 13.82 -14.66 -23.62
C THR A 111 14.63 -13.50 -23.01
N ALA A 112 14.74 -12.37 -23.73
CA ALA A 112 15.43 -11.18 -23.25
C ALA A 112 14.59 -10.48 -22.19
N TYR A 113 15.25 -9.89 -21.17
CA TYR A 113 14.64 -9.16 -20.05
C TYR A 113 15.46 -7.94 -19.67
N LEU A 114 14.78 -6.91 -19.16
CA LEU A 114 15.37 -5.62 -18.78
C LEU A 114 15.03 -5.28 -17.33
N VAL A 115 16.06 -5.32 -16.45
CA VAL A 115 15.92 -5.05 -15.01
C VAL A 115 15.95 -3.56 -14.80
N MET A 116 14.90 -3.04 -14.17
CA MET A 116 14.71 -1.62 -13.92
C MET A 116 14.26 -1.30 -12.51
N GLU A 117 14.39 -0.01 -12.16
CA GLU A 117 13.95 0.56 -10.89
C GLU A 117 12.44 0.31 -10.71
N LEU A 118 12.02 -0.16 -9.52
CA LEU A 118 10.63 -0.37 -9.21
C LEU A 118 10.04 0.92 -8.65
N VAL A 119 9.04 1.45 -9.34
CA VAL A 119 8.31 2.69 -9.02
C VAL A 119 6.95 2.32 -8.44
N ASN A 120 6.63 2.88 -7.27
CA ASN A 120 5.32 2.72 -6.66
C ASN A 120 4.50 3.86 -7.23
N GLY A 121 3.91 3.63 -8.39
CA GLY A 121 3.15 4.68 -9.08
C GLY A 121 1.91 4.21 -9.80
N GLU A 122 1.26 5.14 -10.51
CA GLU A 122 0.05 4.87 -11.26
C GLU A 122 0.12 5.67 -12.56
N PRO A 123 -0.12 5.02 -13.73
CA PRO A 123 -0.06 5.78 -15.00
C PRO A 123 -1.07 6.93 -15.00
N LEU A 124 -0.70 8.07 -15.62
CA LEU A 124 -1.57 9.25 -15.70
C LEU A 124 -2.93 8.88 -16.35
N ASN A 125 -2.88 7.86 -17.24
CA ASN A 125 -3.94 7.14 -17.93
C ASN A 125 -5.09 6.82 -16.94
N SER A 126 -4.78 6.03 -15.90
CA SER A 126 -5.73 5.59 -14.89
C SER A 126 -6.09 6.66 -13.87
N VAL A 127 -5.13 7.55 -13.54
CA VAL A 127 -5.33 8.67 -12.62
C VAL A 127 -6.50 9.54 -13.18
N LEU A 128 -6.41 9.90 -14.48
CA LEU A 128 -7.39 10.72 -15.20
C LEU A 128 -8.71 10.01 -15.43
N LYS A 129 -8.72 8.68 -15.49
CA LYS A 129 -9.93 7.89 -15.66
C LYS A 129 -10.80 8.03 -14.38
N ARG A 130 -10.16 8.09 -13.18
CA ARG A 130 -10.84 8.25 -11.89
C ARG A 130 -11.21 9.70 -11.64
N THR A 131 -10.20 10.61 -11.74
CA THR A 131 -10.33 12.04 -11.46
C THR A 131 -11.11 12.82 -12.49
N GLY A 132 -11.00 12.43 -13.76
CA GLY A 132 -11.61 13.15 -14.88
C GLY A 132 -10.58 14.16 -15.35
N ARG A 133 -10.40 15.24 -14.57
CA ARG A 133 -9.40 16.27 -14.85
C ARG A 133 -8.62 16.64 -13.60
N LEU A 134 -7.31 16.88 -13.77
CA LEU A 134 -6.42 17.29 -12.69
C LEU A 134 -6.60 18.77 -12.38
N SER A 135 -6.37 19.18 -11.12
CA SER A 135 -6.42 20.58 -10.72
C SER A 135 -5.25 21.31 -11.40
N LEU A 136 -5.45 22.62 -11.72
CA LEU A 136 -4.44 23.45 -12.37
C LEU A 136 -3.07 23.31 -11.71
N ARG A 137 -3.04 23.31 -10.35
CA ARG A 137 -1.84 23.15 -9.54
C ARG A 137 -1.14 21.82 -9.84
N HIS A 138 -1.90 20.71 -9.90
CA HIS A 138 -1.35 19.38 -10.19
C HIS A 138 -0.94 19.20 -11.63
N ALA A 139 -1.79 19.65 -12.57
CA ALA A 139 -1.58 19.55 -14.03
C ALA A 139 -0.28 20.25 -14.43
N LEU A 140 -0.06 21.49 -13.92
CA LEU A 140 1.15 22.28 -14.19
C LEU A 140 2.37 21.65 -13.53
N ASP A 141 2.21 21.05 -12.33
CA ASP A 141 3.34 20.37 -11.68
C ASP A 141 3.75 19.13 -12.49
N MET A 142 2.78 18.29 -12.96
CA MET A 142 3.16 17.12 -13.73
C MET A 142 3.74 17.52 -15.07
N LEU A 143 3.25 18.64 -15.66
CA LEU A 143 3.77 19.12 -16.94
C LEU A 143 5.21 19.57 -16.82
N GLU A 144 5.53 20.32 -15.74
CA GLU A 144 6.89 20.79 -15.52
C GLU A 144 7.86 19.61 -15.38
N GLN A 145 7.55 18.65 -14.49
CA GLN A 145 8.33 17.43 -14.22
C GLN A 145 8.60 16.61 -15.49
N THR A 146 7.57 16.36 -16.32
CA THR A 146 7.74 15.62 -17.59
C THR A 146 8.69 16.36 -18.54
N GLY A 147 8.58 17.69 -18.62
CA GLY A 147 9.44 18.51 -19.45
C GLY A 147 10.89 18.39 -19.07
N ARG A 148 11.16 18.53 -17.77
CA ARG A 148 12.49 18.44 -17.15
C ARG A 148 13.13 17.08 -17.40
N ALA A 149 12.32 15.99 -17.28
CA ALA A 149 12.77 14.61 -17.53
C ALA A 149 13.11 14.39 -19.01
N LEU A 150 12.18 14.76 -19.94
CA LEU A 150 12.37 14.62 -21.37
C LEU A 150 13.57 15.43 -21.88
N GLN A 151 13.86 16.58 -21.24
CA GLN A 151 15.00 17.43 -21.60
C GLN A 151 16.33 16.65 -21.52
N ILE A 152 16.42 15.64 -20.62
CA ILE A 152 17.60 14.77 -20.48
C ILE A 152 17.82 13.99 -21.76
N ALA A 153 16.75 13.37 -22.27
CA ALA A 153 16.75 12.59 -23.49
C ALA A 153 17.04 13.52 -24.68
N HIS A 154 16.39 14.71 -24.70
CA HIS A 154 16.55 15.70 -25.77
C HIS A 154 17.96 16.25 -25.83
N ALA A 155 18.58 16.48 -24.66
CA ALA A 155 19.97 16.93 -24.55
C ALA A 155 20.91 15.84 -25.05
N ALA A 156 20.55 14.54 -24.83
CA ALA A 156 21.30 13.37 -25.27
C ALA A 156 21.13 13.14 -26.78
N GLY A 157 20.21 13.89 -27.39
CA GLY A 157 19.93 13.84 -28.82
C GLY A 157 18.88 12.82 -29.20
N LEU A 158 18.07 12.39 -28.21
CA LEU A 158 17.02 11.39 -28.43
C LEU A 158 15.64 12.02 -28.35
N VAL A 159 14.70 11.48 -29.13
CA VAL A 159 13.29 11.87 -29.17
C VAL A 159 12.49 10.64 -28.70
N HIS A 160 11.71 10.77 -27.60
CA HIS A 160 10.88 9.69 -27.01
C HIS A 160 9.95 9.07 -28.04
N ARG A 161 9.23 9.91 -28.81
CA ARG A 161 8.29 9.56 -29.91
C ARG A 161 6.93 8.98 -29.45
N ASP A 162 6.78 8.54 -28.16
CA ASP A 162 5.49 8.02 -27.71
C ASP A 162 5.04 8.60 -26.35
N VAL A 163 5.15 9.93 -26.17
CA VAL A 163 4.73 10.60 -24.93
C VAL A 163 3.20 10.59 -24.84
N LYS A 164 2.66 9.93 -23.80
CA LYS A 164 1.22 9.77 -23.56
C LYS A 164 0.96 9.54 -22.06
N PRO A 165 -0.28 9.73 -21.54
CA PRO A 165 -0.52 9.52 -20.10
C PRO A 165 -0.19 8.11 -19.58
N GLY A 166 -0.28 7.10 -20.44
CA GLY A 166 0.04 5.72 -20.08
C GLY A 166 1.51 5.51 -19.80
N ASN A 167 2.33 6.43 -20.25
CA ASN A 167 3.77 6.35 -20.06
C ASN A 167 4.28 7.28 -19.02
N ILE A 168 3.39 7.95 -18.33
CA ILE A 168 3.74 8.91 -17.28
C ILE A 168 3.24 8.36 -15.96
N LEU A 169 4.16 7.83 -15.16
CA LEU A 169 3.84 7.28 -13.86
C LEU A 169 3.76 8.37 -12.81
N ILE A 170 2.76 8.29 -11.93
CA ILE A 170 2.58 9.25 -10.85
C ILE A 170 2.63 8.49 -9.53
N THR A 171 3.61 8.84 -8.68
CA THR A 171 3.82 8.23 -7.35
C THR A 171 2.86 8.87 -6.29
N PRO A 172 2.62 8.25 -5.10
CA PRO A 172 1.72 8.90 -4.12
C PRO A 172 2.21 10.26 -3.58
N THR A 173 3.54 10.52 -3.64
CA THR A 173 4.19 11.78 -3.23
C THR A 173 4.09 12.83 -4.34
N GLY A 174 3.62 12.41 -5.51
CA GLY A 174 3.44 13.29 -6.65
C GLY A 174 4.68 13.47 -7.50
N GLN A 175 5.43 12.39 -7.72
CA GLN A 175 6.61 12.44 -8.55
C GLN A 175 6.30 11.76 -9.86
N VAL A 176 6.70 12.39 -10.98
CA VAL A 176 6.55 11.88 -12.34
C VAL A 176 7.75 10.98 -12.66
N LYS A 177 7.47 9.80 -13.27
CA LYS A 177 8.49 8.83 -13.72
C LYS A 177 8.18 8.48 -15.17
N ILE A 178 9.04 8.93 -16.09
CA ILE A 178 8.91 8.73 -17.55
C ILE A 178 9.37 7.31 -17.92
N THR A 179 8.56 6.65 -18.76
CA THR A 179 8.77 5.25 -19.14
C THR A 179 8.51 4.99 -20.64
N ASP A 180 8.99 3.84 -21.13
CA ASP A 180 8.85 3.27 -22.47
C ASP A 180 9.56 4.04 -23.61
N PHE A 181 10.86 3.73 -23.84
CA PHE A 181 11.66 4.30 -24.93
C PHE A 181 11.77 3.28 -26.09
N GLY A 182 10.75 2.42 -26.20
CA GLY A 182 10.60 1.35 -27.19
C GLY A 182 10.62 1.77 -28.65
N ILE A 183 10.11 2.98 -28.97
CA ILE A 183 10.07 3.52 -30.34
C ILE A 183 10.83 4.86 -30.42
N ALA A 184 11.81 5.05 -29.51
CA ALA A 184 12.60 6.29 -29.48
C ALA A 184 13.63 6.31 -30.58
N LYS A 185 13.86 7.51 -31.16
CA LYS A 185 14.83 7.74 -32.23
C LYS A 185 15.88 8.76 -31.81
N ALA A 186 17.05 8.76 -32.49
CA ALA A 186 18.16 9.68 -32.21
C ALA A 186 17.96 11.01 -32.90
N GLY A 200 -2.45 3.90 -30.42
CA GLY A 200 -1.67 4.32 -29.26
C GLY A 200 -1.02 5.68 -29.43
N THR A 201 -0.22 5.81 -30.49
CA THR A 201 0.47 7.04 -30.88
C THR A 201 -0.55 8.10 -31.35
N ALA A 202 -1.49 7.70 -32.25
CA ALA A 202 -2.55 8.48 -32.92
C ALA A 202 -3.18 9.62 -32.11
N GLN A 203 -3.68 9.34 -30.91
CA GLN A 203 -4.34 10.35 -30.07
C GLN A 203 -3.43 11.46 -29.57
N TYR A 204 -2.10 11.19 -29.48
CA TYR A 204 -1.07 12.10 -29.00
C TYR A 204 0.04 12.43 -30.03
N ILE A 205 -0.06 11.92 -31.27
CA ILE A 205 0.97 12.09 -32.32
C ILE A 205 1.11 13.57 -32.77
N ALA A 206 2.36 13.99 -33.07
CA ALA A 206 2.68 15.33 -33.53
C ALA A 206 2.35 15.45 -35.04
N PRO A 207 1.80 16.61 -35.51
CA PRO A 207 1.50 16.75 -36.94
C PRO A 207 2.62 16.27 -37.87
N GLU A 208 3.85 16.78 -37.65
CA GLU A 208 5.06 16.43 -38.42
C GLU A 208 5.40 14.94 -38.34
N GLN A 209 5.17 14.32 -37.16
CA GLN A 209 5.41 12.91 -36.91
C GLN A 209 4.43 12.07 -37.73
N ALA A 210 3.16 12.55 -37.86
CA ALA A 210 2.11 11.89 -38.64
C ALA A 210 2.42 11.98 -40.12
N LEU A 211 3.08 13.09 -40.56
CA LEU A 211 3.45 13.32 -41.97
C LEU A 211 4.76 12.61 -42.38
N GLY A 212 5.24 11.69 -41.54
CA GLY A 212 6.46 10.92 -41.77
C GLY A 212 7.74 11.73 -41.78
N HIS A 213 7.76 12.87 -41.08
CA HIS A 213 8.95 13.71 -40.98
C HIS A 213 9.87 13.12 -39.93
N ASP A 214 11.15 13.52 -39.96
CA ASP A 214 12.17 13.07 -39.01
C ASP A 214 11.79 13.55 -37.61
N ALA A 215 12.13 12.75 -36.59
CA ALA A 215 11.80 13.05 -35.20
C ALA A 215 12.64 14.22 -34.67
N SER A 216 12.04 15.04 -33.79
CA SER A 216 12.70 16.16 -33.15
C SER A 216 12.10 16.37 -31.75
N PRO A 217 12.87 16.88 -30.76
CA PRO A 217 12.30 17.13 -29.43
C PRO A 217 10.99 17.94 -29.37
N ALA A 218 10.74 18.80 -30.38
CA ALA A 218 9.51 19.60 -30.50
C ALA A 218 8.27 18.70 -30.61
N SER A 219 8.42 17.52 -31.27
CA SER A 219 7.37 16.52 -31.43
C SER A 219 6.90 15.99 -30.05
N ASP A 220 7.85 15.75 -29.13
CA ASP A 220 7.57 15.31 -27.75
C ASP A 220 6.89 16.42 -26.97
N VAL A 221 7.24 17.70 -27.28
CA VAL A 221 6.67 18.92 -26.69
C VAL A 221 5.18 18.99 -27.04
N TYR A 222 4.82 18.78 -28.35
CA TYR A 222 3.44 18.75 -28.83
C TYR A 222 2.65 17.69 -28.06
N SER A 223 3.13 16.41 -28.07
CA SER A 223 2.49 15.27 -27.41
C SER A 223 2.19 15.58 -25.94
N LEU A 224 3.12 16.28 -25.27
CA LEU A 224 2.99 16.71 -23.87
C LEU A 224 1.91 17.79 -23.71
N GLY A 225 1.76 18.63 -24.73
CA GLY A 225 0.72 19.66 -24.81
C GLY A 225 -0.65 19.01 -24.95
N VAL A 226 -0.73 17.85 -25.65
CA VAL A 226 -1.98 17.06 -25.82
C VAL A 226 -2.37 16.49 -24.43
N VAL A 227 -1.37 16.03 -23.66
CA VAL A 227 -1.50 15.51 -22.29
C VAL A 227 -1.95 16.68 -21.40
N GLY A 228 -1.39 17.87 -21.65
CA GLY A 228 -1.72 19.10 -20.94
C GLY A 228 -3.14 19.55 -21.17
N TYR A 229 -3.58 19.51 -22.44
CA TYR A 229 -4.94 19.85 -22.90
C TYR A 229 -5.94 18.91 -22.19
N GLU A 230 -5.65 17.60 -22.16
CA GLU A 230 -6.46 16.56 -21.53
C GLU A 230 -6.50 16.69 -20.01
N ALA A 231 -5.36 16.98 -19.36
CA ALA A 231 -5.28 17.11 -17.90
C ALA A 231 -6.11 18.27 -17.36
N VAL A 232 -6.10 19.42 -18.07
CA VAL A 232 -6.78 20.64 -17.66
C VAL A 232 -8.27 20.69 -18.07
N SER A 233 -8.67 19.93 -19.12
CA SER A 233 -10.05 19.96 -19.63
C SER A 233 -10.81 18.65 -19.47
N GLY A 234 -10.13 17.56 -19.10
CA GLY A 234 -10.71 16.24 -18.95
C GLY A 234 -11.18 15.60 -20.25
N LYS A 235 -10.65 16.10 -21.38
CA LYS A 235 -11.00 15.62 -22.72
C LYS A 235 -9.87 15.91 -23.70
N ARG A 236 -9.55 14.92 -24.54
CA ARG A 236 -8.52 15.04 -25.60
C ARG A 236 -9.01 16.04 -26.68
N PRO A 237 -8.08 16.77 -27.37
CA PRO A 237 -8.54 17.74 -28.39
C PRO A 237 -9.16 17.13 -29.63
N PHE A 238 -8.55 16.06 -30.17
CA PHE A 238 -9.01 15.36 -31.36
C PHE A 238 -9.54 13.98 -31.02
N ALA A 239 -10.70 13.65 -31.60
CA ALA A 239 -11.41 12.39 -31.38
C ALA A 239 -11.89 11.76 -32.70
N GLY A 240 -12.57 10.63 -32.58
CA GLY A 240 -13.12 9.89 -33.70
C GLY A 240 -12.68 8.44 -33.69
N ASP A 241 -13.54 7.56 -34.20
CA ASP A 241 -13.24 6.14 -34.33
C ASP A 241 -12.27 6.03 -35.49
N GLY A 242 -11.19 5.29 -35.33
CA GLY A 242 -10.19 5.16 -36.37
C GLY A 242 -9.07 6.18 -36.24
N ALA A 243 -7.83 5.66 -36.21
CA ALA A 243 -6.61 6.41 -36.04
C ALA A 243 -6.38 7.44 -37.14
N LEU A 244 -6.62 7.05 -38.41
CA LEU A 244 -6.45 7.93 -39.58
C LEU A 244 -7.12 9.28 -39.39
N TPO A 245 -8.37 9.30 -38.91
CA TPO A 245 -9.13 10.52 -38.64
CB TPO A 245 -10.57 10.17 -38.25
CG2 TPO A 245 -11.40 11.42 -37.87
OG1 TPO A 245 -11.10 9.63 -39.47
P TPO A 245 -11.93 8.38 -39.35
O1P TPO A 245 -12.64 8.15 -40.67
O2P TPO A 245 -11.09 7.22 -38.92
O3P TPO A 245 -13.04 8.59 -38.31
C TPO A 245 -8.45 11.37 -37.58
O TPO A 245 -8.26 12.57 -37.81
N VAL A 246 -8.08 10.75 -36.45
CA VAL A 246 -7.40 11.40 -35.32
C VAL A 246 -6.06 11.99 -35.76
N ALA A 247 -5.27 11.23 -36.55
CA ALA A 247 -3.98 11.65 -37.10
C ALA A 247 -4.14 12.82 -38.08
N MET A 248 -5.16 12.73 -38.97
CA MET A 248 -5.47 13.78 -39.93
C MET A 248 -5.95 15.07 -39.25
N LYS A 249 -6.60 14.93 -38.07
CA LYS A 249 -7.08 16.05 -37.26
C LYS A 249 -5.88 16.81 -36.70
N HIS A 250 -4.83 16.07 -36.23
CA HIS A 250 -3.56 16.65 -35.74
C HIS A 250 -2.86 17.46 -36.87
N ILE A 251 -3.03 17.08 -38.15
CA ILE A 251 -2.41 17.77 -39.28
C ILE A 251 -3.20 19.01 -39.71
N LYS A 252 -4.50 18.84 -40.07
CA LYS A 252 -5.37 19.91 -40.55
C LYS A 252 -6.18 20.66 -39.47
N GLU A 253 -7.03 19.95 -38.69
CA GLU A 253 -7.96 20.52 -37.70
C GLU A 253 -7.31 21.29 -36.53
N PRO A 254 -7.78 22.54 -36.25
CA PRO A 254 -7.26 23.27 -35.09
C PRO A 254 -7.84 22.72 -33.78
N PRO A 255 -7.10 22.74 -32.64
CA PRO A 255 -7.66 22.19 -31.40
C PRO A 255 -8.86 22.97 -30.89
N PRO A 256 -9.91 22.29 -30.39
CA PRO A 256 -11.10 23.01 -29.89
C PRO A 256 -10.78 23.95 -28.73
N PRO A 257 -11.50 25.09 -28.60
CA PRO A 257 -11.20 26.04 -27.50
C PRO A 257 -11.32 25.40 -26.12
N LEU A 258 -10.42 25.79 -25.22
CA LEU A 258 -10.38 25.28 -23.85
C LEU A 258 -11.47 25.93 -22.98
N PRO A 259 -11.95 25.27 -21.88
CA PRO A 259 -13.02 25.88 -21.05
C PRO A 259 -12.75 27.34 -20.62
N PRO A 260 -13.73 28.26 -20.79
CA PRO A 260 -13.50 29.67 -20.41
C PRO A 260 -13.27 29.89 -18.91
N ASP A 261 -13.51 28.85 -18.10
CA ASP A 261 -13.31 28.80 -16.66
C ASP A 261 -11.81 28.85 -16.31
N LEU A 262 -10.97 28.38 -17.25
CA LEU A 262 -9.51 28.32 -17.11
C LEU A 262 -8.81 29.68 -17.21
N PRO A 263 -7.67 29.88 -16.49
CA PRO A 263 -6.93 31.17 -16.64
C PRO A 263 -6.34 31.34 -18.04
N PRO A 264 -6.26 32.58 -18.56
CA PRO A 264 -5.75 32.77 -19.94
C PRO A 264 -4.28 32.40 -20.15
N ASN A 265 -3.47 32.53 -19.08
CA ASN A 265 -2.03 32.23 -19.07
C ASN A 265 -1.81 30.73 -19.28
N VAL A 266 -2.74 29.92 -18.76
CA VAL A 266 -2.78 28.46 -18.88
C VAL A 266 -3.19 28.09 -20.32
N ARG A 267 -4.31 28.67 -20.81
CA ARG A 267 -4.87 28.49 -22.16
C ARG A 267 -3.84 28.80 -23.26
N GLU A 268 -3.03 29.85 -23.07
CA GLU A 268 -1.99 30.28 -23.99
C GLU A 268 -0.89 29.22 -24.11
N LEU A 269 -0.38 28.73 -22.95
CA LEU A 269 0.65 27.68 -22.84
C LEU A 269 0.33 26.42 -23.66
N ILE A 270 -0.92 25.96 -23.59
CA ILE A 270 -1.42 24.80 -24.33
C ILE A 270 -1.50 25.18 -25.82
N GLU A 271 -2.07 26.37 -26.14
CA GLU A 271 -2.23 26.87 -27.51
C GLU A 271 -0.92 27.00 -28.28
N ILE A 272 0.17 27.40 -27.60
CA ILE A 272 1.49 27.57 -28.20
C ILE A 272 2.12 26.22 -28.51
N THR A 273 2.03 25.29 -27.55
CA THR A 273 2.57 23.93 -27.65
C THR A 273 1.87 23.07 -28.69
N LEU A 274 0.64 23.42 -29.03
CA LEU A 274 -0.14 22.70 -30.02
C LEU A 274 -0.07 23.33 -31.44
N VAL A 275 0.96 24.19 -31.75
CA VAL A 275 1.12 24.74 -33.11
C VAL A 275 1.48 23.60 -34.08
N LYS A 276 1.03 23.66 -35.33
CA LYS A 276 1.31 22.57 -36.27
C LYS A 276 2.74 22.56 -36.77
N ASN A 277 3.40 23.75 -36.75
CA ASN A 277 4.79 23.91 -37.19
C ASN A 277 5.77 23.78 -36.02
N PRO A 278 6.60 22.69 -35.99
CA PRO A 278 7.52 22.49 -34.86
C PRO A 278 8.57 23.59 -34.64
N ALA A 279 8.88 24.38 -35.71
CA ALA A 279 9.80 25.51 -35.62
C ALA A 279 9.23 26.65 -34.74
N MET A 280 7.88 26.87 -34.79
CA MET A 280 7.15 27.87 -33.99
C MET A 280 6.75 27.37 -32.57
N ARG A 281 7.30 26.22 -32.16
CA ARG A 281 7.00 25.54 -30.91
C ARG A 281 8.26 25.45 -30.02
N TYR A 282 8.09 25.12 -28.72
CA TYR A 282 9.21 24.95 -27.80
C TYR A 282 10.13 23.83 -28.30
N ARG A 283 11.40 24.15 -28.48
CA ARG A 283 12.46 23.30 -29.02
C ARG A 283 12.61 21.97 -28.29
N SER A 284 12.61 22.01 -26.95
CA SER A 284 12.80 20.83 -26.10
C SER A 284 11.93 20.84 -24.84
N GLY A 285 12.09 19.83 -24.00
CA GLY A 285 11.39 19.68 -22.73
C GLY A 285 11.73 20.76 -21.73
N GLY A 286 13.00 21.21 -21.75
CA GLY A 286 13.53 22.28 -20.90
C GLY A 286 12.82 23.60 -21.15
N PRO A 287 12.86 24.15 -22.39
CA PRO A 287 12.12 25.38 -22.67
C PRO A 287 10.63 25.27 -22.32
N PHE A 288 10.00 24.11 -22.63
CA PHE A 288 8.60 23.89 -22.26
C PHE A 288 8.40 24.00 -20.74
N ALA A 289 9.24 23.29 -19.95
CA ALA A 289 9.19 23.30 -18.48
C ALA A 289 9.37 24.71 -17.90
N ASP A 290 10.23 25.53 -18.53
CA ASP A 290 10.48 26.91 -18.15
C ASP A 290 9.24 27.78 -18.37
N ALA A 291 8.51 27.56 -19.49
CA ALA A 291 7.27 28.26 -19.81
C ALA A 291 6.18 27.87 -18.79
N VAL A 292 6.14 26.58 -18.37
CA VAL A 292 5.22 26.09 -17.34
C VAL A 292 5.57 26.77 -15.99
N ALA A 293 6.88 26.89 -15.66
CA ALA A 293 7.38 27.54 -14.45
C ALA A 293 6.92 29.02 -14.38
N ALA A 294 6.87 29.71 -15.54
CA ALA A 294 6.40 31.09 -15.67
C ALA A 294 4.88 31.17 -15.42
N VAL A 295 4.10 30.22 -15.97
CA VAL A 295 2.65 30.13 -15.80
C VAL A 295 2.32 29.86 -14.32
N ARG A 296 3.10 28.96 -13.69
CA ARG A 296 2.95 28.60 -12.27
C ARG A 296 3.14 29.82 -11.38
N ALA A 297 4.11 30.69 -11.75
CA ALA A 297 4.41 31.95 -11.08
C ALA A 297 3.39 33.06 -11.39
N GLY A 298 2.27 32.68 -12.03
CA GLY A 298 1.18 33.59 -12.37
C GLY A 298 1.46 34.53 -13.52
N ARG A 299 2.45 34.18 -14.37
CA ARG A 299 2.84 34.98 -15.54
C ARG A 299 2.34 34.33 -16.82
N ARG A 300 2.47 35.07 -17.94
CA ARG A 300 2.14 34.59 -19.29
C ARG A 300 3.30 33.69 -19.73
N PRO A 301 3.07 32.62 -20.52
CA PRO A 301 4.20 31.80 -20.97
C PRO A 301 5.08 32.55 -21.98
N PRO A 302 6.44 32.47 -21.83
CA PRO A 302 7.31 33.13 -22.82
C PRO A 302 7.16 32.52 -24.22
N ARG A 303 7.38 33.33 -25.24
CA ARG A 303 7.28 32.87 -26.62
C ARG A 303 8.49 31.95 -26.94
N PRO A 304 8.30 30.77 -27.60
CA PRO A 304 9.45 29.90 -27.89
C PRO A 304 10.56 30.55 -28.71
N SER A 305 11.83 30.26 -28.36
CA SER A 305 13.05 30.79 -28.99
C SER A 305 13.16 30.45 -30.47
N PRO B 24 -23.32 -22.73 -16.65
CA PRO B 24 -22.70 -21.45 -16.28
C PRO B 24 -22.12 -20.70 -17.49
N ARG B 25 -22.42 -19.39 -17.59
CA ARG B 25 -21.94 -18.51 -18.66
C ARG B 25 -21.95 -17.02 -18.25
N VAL B 26 -21.19 -16.19 -18.99
CA VAL B 26 -20.94 -14.75 -18.84
C VAL B 26 -22.22 -13.86 -18.76
N GLY B 27 -23.38 -14.38 -19.18
CA GLY B 27 -24.63 -13.62 -19.18
C GLY B 27 -25.80 -14.22 -18.42
N VAL B 28 -25.57 -15.35 -17.73
CA VAL B 28 -26.59 -16.08 -16.94
C VAL B 28 -27.13 -15.19 -15.79
N THR B 29 -28.46 -15.21 -15.57
CA THR B 29 -29.16 -14.49 -14.51
C THR B 29 -29.92 -15.55 -13.70
N LEU B 30 -29.26 -16.11 -12.67
CA LEU B 30 -29.79 -17.16 -11.81
C LEU B 30 -30.98 -16.69 -11.00
N SER B 31 -32.11 -17.43 -11.11
CA SER B 31 -33.41 -17.15 -10.47
C SER B 31 -33.91 -15.72 -10.73
N GLY B 32 -33.56 -15.19 -11.91
CA GLY B 32 -33.91 -13.85 -12.37
C GLY B 32 -33.40 -12.75 -11.46
N ARG B 33 -32.24 -12.98 -10.80
CA ARG B 33 -31.67 -12.03 -9.85
C ARG B 33 -30.15 -11.96 -9.89
N TYR B 34 -29.47 -13.10 -9.72
CA TYR B 34 -28.02 -13.16 -9.68
C TYR B 34 -27.39 -13.34 -11.06
N ARG B 35 -26.97 -12.23 -11.67
CA ARG B 35 -26.40 -12.18 -13.01
C ARG B 35 -24.86 -12.34 -13.03
N LEU B 36 -24.36 -13.51 -13.52
CA LEU B 36 -22.93 -13.81 -13.65
C LEU B 36 -22.25 -12.80 -14.56
N GLN B 37 -21.03 -12.38 -14.21
CA GLN B 37 -20.30 -11.36 -14.97
C GLN B 37 -18.93 -11.80 -15.45
N ARG B 38 -18.14 -12.44 -14.56
CA ARG B 38 -16.76 -12.87 -14.84
C ARG B 38 -16.43 -14.10 -14.01
N LEU B 39 -15.79 -15.12 -14.62
CA LEU B 39 -15.38 -16.32 -13.90
C LEU B 39 -14.10 -16.02 -13.10
N ILE B 40 -14.13 -16.32 -11.79
CA ILE B 40 -13.04 -16.09 -10.82
C ILE B 40 -12.13 -17.32 -10.72
N ALA B 41 -12.70 -18.50 -10.35
CA ALA B 41 -11.94 -19.73 -10.15
C ALA B 41 -12.77 -21.02 -10.31
N THR B 42 -12.13 -22.17 -10.06
CA THR B 42 -12.69 -23.52 -10.13
C THR B 42 -12.49 -24.24 -8.79
N GLY B 43 -13.60 -24.64 -8.17
CA GLY B 43 -13.62 -25.38 -6.92
C GLY B 43 -13.59 -26.88 -7.14
N GLY B 44 -13.78 -27.63 -6.06
CA GLY B 44 -13.76 -29.10 -6.08
C GLY B 44 -14.90 -29.75 -6.84
N MET B 45 -16.05 -29.06 -6.90
CA MET B 45 -17.28 -29.51 -7.56
C MET B 45 -18.08 -28.30 -8.07
N GLY B 46 -17.66 -27.11 -7.65
CA GLY B 46 -18.27 -25.85 -8.01
C GLY B 46 -17.37 -24.92 -8.81
N GLN B 47 -17.92 -23.76 -9.18
CA GLN B 47 -17.24 -22.70 -9.92
C GLN B 47 -17.47 -21.38 -9.18
N VAL B 48 -16.45 -20.52 -9.12
CA VAL B 48 -16.59 -19.23 -8.43
C VAL B 48 -16.69 -18.12 -9.50
N TRP B 49 -17.79 -17.35 -9.47
CA TRP B 49 -18.06 -16.28 -10.41
C TRP B 49 -18.34 -14.95 -9.71
N GLU B 50 -17.92 -13.85 -10.32
CA GLU B 50 -18.26 -12.51 -9.84
C GLU B 50 -19.62 -12.25 -10.49
N ALA B 51 -20.61 -11.88 -9.67
CA ALA B 51 -21.97 -11.65 -10.17
C ALA B 51 -22.60 -10.39 -9.59
N VAL B 52 -23.77 -10.03 -10.10
CA VAL B 52 -24.53 -8.87 -9.65
C VAL B 52 -25.90 -9.28 -9.11
N ASP B 53 -26.23 -8.82 -7.91
CA ASP B 53 -27.52 -8.99 -7.27
C ASP B 53 -28.29 -7.85 -7.87
N ASN B 54 -29.28 -8.15 -8.72
CA ASN B 54 -30.07 -7.12 -9.39
C ASN B 54 -31.07 -6.46 -8.45
N ARG B 55 -31.37 -7.13 -7.32
CA ARG B 55 -32.30 -6.61 -6.32
C ARG B 55 -31.63 -5.62 -5.36
N LEU B 56 -30.37 -5.89 -4.94
CA LEU B 56 -29.59 -5.05 -4.02
C LEU B 56 -28.56 -4.13 -4.72
N GLY B 57 -28.30 -4.41 -6.00
CA GLY B 57 -27.37 -3.65 -6.82
C GLY B 57 -25.92 -3.77 -6.41
N ARG B 58 -25.56 -4.86 -5.69
CA ARG B 58 -24.20 -5.08 -5.25
C ARG B 58 -23.53 -6.23 -5.98
N ARG B 59 -22.20 -6.18 -6.05
CA ARG B 59 -21.40 -7.25 -6.63
C ARG B 59 -21.26 -8.30 -5.55
N VAL B 60 -21.51 -9.55 -5.91
CA VAL B 60 -21.42 -10.69 -5.00
C VAL B 60 -20.59 -11.77 -5.67
N ALA B 61 -20.29 -12.84 -4.92
CA ALA B 61 -19.55 -13.98 -5.45
C ALA B 61 -20.47 -15.19 -5.43
N VAL B 62 -20.73 -15.75 -6.61
CA VAL B 62 -21.61 -16.93 -6.74
C VAL B 62 -20.80 -18.20 -7.04
N LYS B 63 -21.00 -19.23 -6.20
CA LYS B 63 -20.38 -20.52 -6.39
C LYS B 63 -21.45 -21.42 -6.99
N VAL B 64 -21.30 -21.80 -8.27
CA VAL B 64 -22.28 -22.64 -9.00
C VAL B 64 -21.81 -24.07 -9.21
N LEU B 65 -22.75 -25.04 -9.08
CA LEU B 65 -22.51 -26.47 -9.28
C LEU B 65 -22.26 -26.75 -10.78
N LYS B 66 -21.18 -27.49 -11.06
CA LYS B 66 -20.77 -27.86 -12.42
C LYS B 66 -21.84 -28.71 -13.09
N SER B 67 -22.11 -28.45 -14.38
CA SER B 67 -23.11 -29.13 -15.22
C SER B 67 -23.07 -30.67 -15.15
N GLU B 68 -21.90 -31.24 -14.83
CA GLU B 68 -21.71 -32.69 -14.69
C GLU B 68 -22.33 -33.26 -13.41
N PHE B 69 -22.27 -32.49 -12.30
CA PHE B 69 -22.80 -32.92 -11.00
C PHE B 69 -24.25 -32.44 -10.74
N SER B 70 -24.80 -31.61 -11.65
CA SER B 70 -26.16 -31.09 -11.56
C SER B 70 -27.22 -32.19 -11.77
N SER B 71 -26.84 -33.29 -12.46
CA SER B 71 -27.71 -34.43 -12.73
C SER B 71 -27.55 -35.51 -11.65
N ASP B 72 -26.49 -35.40 -10.81
CA ASP B 72 -26.17 -36.35 -9.74
C ASP B 72 -26.78 -35.91 -8.39
N PRO B 73 -27.62 -36.75 -7.74
CA PRO B 73 -28.23 -36.33 -6.47
C PRO B 73 -27.29 -36.34 -5.27
N GLU B 74 -26.29 -37.25 -5.26
CA GLU B 74 -25.29 -37.38 -4.19
C GLU B 74 -24.44 -36.11 -4.07
N PHE B 75 -24.17 -35.44 -5.21
CA PHE B 75 -23.41 -34.20 -5.27
C PHE B 75 -24.24 -32.98 -4.86
N ILE B 76 -25.55 -32.96 -5.21
CA ILE B 76 -26.47 -31.88 -4.85
C ILE B 76 -26.57 -31.77 -3.32
N GLU B 77 -26.68 -32.93 -2.62
CA GLU B 77 -26.72 -33.00 -1.15
C GLU B 77 -25.40 -32.55 -0.51
N ARG B 78 -24.26 -32.75 -1.20
CA ARG B 78 -22.94 -32.34 -0.74
C ARG B 78 -22.79 -30.81 -0.88
N PHE B 79 -23.41 -30.25 -1.92
CA PHE B 79 -23.43 -28.81 -2.19
C PHE B 79 -24.38 -28.11 -1.22
N ARG B 80 -25.58 -28.71 -0.97
CA ARG B 80 -26.59 -28.23 -0.03
C ARG B 80 -26.02 -28.16 1.39
N ALA B 81 -25.20 -29.17 1.76
CA ALA B 81 -24.54 -29.26 3.05
C ALA B 81 -23.55 -28.11 3.23
N GLU B 82 -22.74 -27.81 2.19
CA GLU B 82 -21.77 -26.70 2.17
C GLU B 82 -22.48 -25.36 2.47
N ALA B 83 -23.68 -25.17 1.90
CA ALA B 83 -24.51 -23.99 2.06
C ALA B 83 -24.97 -23.80 3.50
N ARG B 84 -25.63 -24.83 4.10
CA ARG B 84 -26.13 -24.79 5.48
C ARG B 84 -25.03 -24.68 6.53
N THR B 85 -23.85 -25.26 6.24
CA THR B 85 -22.69 -25.29 7.12
C THR B 85 -22.01 -23.91 7.23
N THR B 86 -21.72 -23.28 6.08
CA THR B 86 -21.06 -21.96 6.02
C THR B 86 -21.95 -20.86 6.60
N ALA B 87 -23.28 -21.01 6.44
CA ALA B 87 -24.30 -20.10 6.94
C ALA B 87 -24.29 -20.01 8.48
N MET B 88 -23.93 -21.10 9.17
CA MET B 88 -23.86 -21.20 10.63
C MET B 88 -22.74 -20.31 11.22
N LEU B 89 -21.70 -20.03 10.43
CA LEU B 89 -20.51 -19.30 10.87
C LEU B 89 -20.45 -17.82 10.45
N ASN B 90 -20.49 -16.92 11.44
CA ASN B 90 -20.33 -15.48 11.22
C ASN B 90 -19.04 -15.08 11.92
N HIS B 91 -18.05 -14.68 11.12
CA HIS B 91 -16.73 -14.27 11.56
C HIS B 91 -16.02 -13.54 10.43
N PRO B 92 -15.25 -12.45 10.72
CA PRO B 92 -14.55 -11.74 9.65
C PRO B 92 -13.47 -12.55 8.91
N GLY B 93 -13.12 -13.73 9.42
CA GLY B 93 -12.12 -14.58 8.82
C GLY B 93 -12.68 -15.72 7.97
N ILE B 94 -14.00 -15.70 7.72
CA ILE B 94 -14.72 -16.70 6.93
C ILE B 94 -15.56 -15.96 5.90
N ALA B 95 -15.50 -16.36 4.62
CA ALA B 95 -16.30 -15.79 3.54
C ALA B 95 -17.77 -16.11 3.84
N SER B 96 -18.58 -15.06 4.00
CA SER B 96 -20.00 -15.16 4.38
C SER B 96 -20.95 -15.53 3.27
N VAL B 97 -22.05 -16.22 3.63
CA VAL B 97 -23.12 -16.65 2.74
C VAL B 97 -24.30 -15.67 2.86
N HIS B 98 -24.86 -15.22 1.74
CA HIS B 98 -26.02 -14.34 1.71
C HIS B 98 -27.26 -15.14 1.29
N ASP B 99 -27.08 -16.03 0.28
CA ASP B 99 -28.19 -16.80 -0.28
C ASP B 99 -27.78 -18.15 -0.87
N TYR B 100 -28.80 -18.96 -1.18
CA TYR B 100 -28.71 -20.28 -1.84
C TYR B 100 -29.98 -20.45 -2.67
N GLY B 101 -29.84 -21.07 -3.84
CA GLY B 101 -30.95 -21.35 -4.73
C GLY B 101 -30.68 -22.51 -5.65
N GLU B 102 -31.71 -22.92 -6.42
CA GLU B 102 -31.65 -24.00 -7.40
C GLU B 102 -32.41 -23.59 -8.65
N SER B 103 -31.69 -23.41 -9.77
CA SER B 103 -32.26 -22.99 -11.04
C SER B 103 -31.99 -24.00 -12.16
N THR B 111 -29.49 -27.02 -11.42
CA THR B 111 -28.19 -26.43 -11.09
C THR B 111 -28.34 -25.51 -9.86
N ALA B 112 -27.55 -25.80 -8.81
CA ALA B 112 -27.57 -25.08 -7.54
C ALA B 112 -26.49 -24.01 -7.45
N TYR B 113 -26.83 -22.88 -6.81
CA TYR B 113 -25.92 -21.76 -6.63
C TYR B 113 -25.80 -21.31 -5.17
N LEU B 114 -24.61 -20.81 -4.79
CA LEU B 114 -24.30 -20.32 -3.45
C LEU B 114 -23.86 -18.85 -3.54
N VAL B 115 -24.71 -17.93 -3.03
CA VAL B 115 -24.46 -16.48 -3.05
C VAL B 115 -23.67 -16.09 -1.83
N MET B 116 -22.52 -15.47 -2.06
CA MET B 116 -21.59 -15.14 -1.00
C MET B 116 -21.00 -13.74 -1.09
N GLU B 117 -20.32 -13.30 0.00
CA GLU B 117 -19.66 -12.01 0.03
C GLU B 117 -18.51 -11.99 -1.00
N LEU B 118 -18.35 -10.86 -1.71
CA LEU B 118 -17.29 -10.74 -2.70
C LEU B 118 -16.03 -10.24 -2.02
N VAL B 119 -14.99 -11.07 -2.04
CA VAL B 119 -13.68 -10.78 -1.42
C VAL B 119 -12.72 -10.32 -2.50
N ASN B 120 -12.08 -9.19 -2.22
CA ASN B 120 -11.03 -8.64 -3.06
C ASN B 120 -9.78 -9.32 -2.52
N GLY B 121 -9.34 -10.37 -3.20
CA GLY B 121 -8.20 -11.13 -2.75
C GLY B 121 -7.61 -12.12 -3.73
N GLU B 122 -6.85 -13.07 -3.19
CA GLU B 122 -6.14 -14.08 -3.96
C GLU B 122 -5.86 -15.28 -3.05
N PRO B 123 -6.06 -16.53 -3.52
CA PRO B 123 -5.74 -17.68 -2.65
C PRO B 123 -4.23 -17.77 -2.39
N LEU B 124 -3.85 -18.18 -1.16
CA LEU B 124 -2.48 -18.32 -0.66
C LEU B 124 -1.56 -19.14 -1.56
N ASN B 125 -2.12 -20.10 -2.33
CA ASN B 125 -1.31 -20.89 -3.25
C ASN B 125 -0.74 -20.03 -4.39
N SER B 126 -1.51 -19.01 -4.84
CA SER B 126 -1.08 -18.05 -5.86
C SER B 126 -0.08 -17.08 -5.26
N VAL B 127 -0.31 -16.64 -4.00
CA VAL B 127 0.59 -15.75 -3.25
C VAL B 127 1.98 -16.41 -3.14
N LEU B 128 2.01 -17.67 -2.64
CA LEU B 128 3.22 -18.47 -2.48
C LEU B 128 3.94 -18.77 -3.78
N LYS B 129 3.20 -18.83 -4.90
CA LYS B 129 3.78 -19.09 -6.22
C LYS B 129 4.59 -17.88 -6.67
N ARG B 130 4.11 -16.67 -6.32
CA ARG B 130 4.75 -15.39 -6.67
C ARG B 130 5.96 -15.12 -5.80
N THR B 131 5.78 -15.22 -4.46
CA THR B 131 6.80 -14.95 -3.45
C THR B 131 7.84 -16.06 -3.26
N GLY B 132 7.40 -17.32 -3.36
CA GLY B 132 8.27 -18.47 -3.11
C GLY B 132 8.08 -18.93 -1.67
N ARG B 133 8.22 -17.98 -0.73
CA ARG B 133 8.02 -18.14 0.71
C ARG B 133 7.55 -16.82 1.30
N LEU B 134 6.83 -16.90 2.43
CA LEU B 134 6.38 -15.71 3.13
C LEU B 134 7.47 -15.32 4.15
N SER B 135 7.49 -14.04 4.54
CA SER B 135 8.39 -13.52 5.57
C SER B 135 7.82 -14.01 6.92
N LEU B 136 8.70 -14.26 7.91
CA LEU B 136 8.31 -14.75 9.24
C LEU B 136 7.14 -13.97 9.85
N ARG B 137 7.13 -12.63 9.67
CA ARG B 137 6.06 -11.75 10.16
C ARG B 137 4.74 -12.03 9.42
N HIS B 138 4.78 -12.22 8.08
CA HIS B 138 3.59 -12.51 7.27
C HIS B 138 3.05 -13.91 7.53
N ALA B 139 3.95 -14.92 7.51
CA ALA B 139 3.60 -16.31 7.75
C ALA B 139 2.88 -16.48 9.09
N LEU B 140 3.42 -15.88 10.18
CA LEU B 140 2.83 -15.94 11.52
C LEU B 140 1.48 -15.25 11.62
N ASP B 141 1.30 -14.09 10.95
CA ASP B 141 0.04 -13.35 10.98
C ASP B 141 -1.12 -14.18 10.40
N MET B 142 -0.93 -14.82 9.22
CA MET B 142 -1.98 -15.63 8.61
C MET B 142 -2.26 -16.91 9.39
N LEU B 143 -1.24 -17.50 10.04
CA LEU B 143 -1.43 -18.72 10.82
C LEU B 143 -2.35 -18.48 12.02
N GLU B 144 -2.18 -17.33 12.72
CA GLU B 144 -3.04 -16.95 13.84
C GLU B 144 -4.46 -16.65 13.33
N GLN B 145 -4.56 -15.88 12.23
CA GLN B 145 -5.84 -15.53 11.60
C GLN B 145 -6.65 -16.76 11.16
N THR B 146 -6.01 -17.71 10.46
CA THR B 146 -6.65 -18.95 10.01
C THR B 146 -7.07 -19.79 11.23
N GLY B 147 -6.20 -19.85 12.23
CA GLY B 147 -6.45 -20.54 13.49
C GLY B 147 -7.69 -20.00 14.17
N ARG B 148 -7.78 -18.66 14.30
CA ARG B 148 -8.94 -18.00 14.92
C ARG B 148 -10.24 -18.23 14.11
N ALA B 149 -10.13 -18.24 12.77
CA ALA B 149 -11.28 -18.47 11.89
C ALA B 149 -11.73 -19.94 11.94
N LEU B 150 -10.77 -20.90 12.04
CA LEU B 150 -11.08 -22.33 12.14
C LEU B 150 -11.75 -22.67 13.46
N GLN B 151 -11.39 -21.92 14.53
CA GLN B 151 -11.96 -22.06 15.87
C GLN B 151 -13.48 -21.88 15.88
N ILE B 152 -14.00 -21.00 15.02
CA ILE B 152 -15.44 -20.74 14.92
C ILE B 152 -16.16 -22.01 14.49
N ALA B 153 -15.64 -22.67 13.45
CA ALA B 153 -16.16 -23.94 12.97
C ALA B 153 -15.95 -25.05 14.02
N HIS B 154 -14.79 -25.05 14.70
CA HIS B 154 -14.42 -26.04 15.71
C HIS B 154 -15.30 -25.99 16.95
N ALA B 155 -15.63 -24.76 17.42
CA ALA B 155 -16.51 -24.52 18.56
C ALA B 155 -17.94 -24.89 18.15
N ALA B 156 -18.26 -24.76 16.84
CA ALA B 156 -19.56 -25.11 16.27
C ALA B 156 -19.71 -26.63 16.07
N GLY B 157 -18.64 -27.37 16.32
CA GLY B 157 -18.61 -28.83 16.20
C GLY B 157 -18.38 -29.30 14.77
N LEU B 158 -17.85 -28.41 13.92
CA LEU B 158 -17.55 -28.67 12.52
C LEU B 158 -16.06 -28.80 12.32
N VAL B 159 -15.65 -29.59 11.31
CA VAL B 159 -14.26 -29.82 10.92
C VAL B 159 -14.17 -29.52 9.41
N HIS B 160 -13.35 -28.54 9.00
CA HIS B 160 -13.15 -28.14 7.59
C HIS B 160 -12.79 -29.32 6.67
N ARG B 161 -11.88 -30.23 7.11
CA ARG B 161 -11.41 -31.45 6.43
C ARG B 161 -10.52 -31.22 5.16
N ASP B 162 -10.42 -29.96 4.66
CA ASP B 162 -9.64 -29.65 3.46
C ASP B 162 -8.87 -28.29 3.59
N VAL B 163 -8.19 -28.08 4.75
CA VAL B 163 -7.40 -26.88 5.00
C VAL B 163 -6.14 -26.95 4.14
N LYS B 164 -6.00 -25.99 3.20
CA LYS B 164 -4.90 -25.88 2.25
C LYS B 164 -4.76 -24.44 1.73
N PRO B 165 -3.59 -24.02 1.18
CA PRO B 165 -3.45 -22.64 0.68
C PRO B 165 -4.51 -22.18 -0.35
N GLY B 166 -5.02 -23.10 -1.16
CA GLY B 166 -6.05 -22.81 -2.15
C GLY B 166 -7.37 -22.35 -1.54
N ASN B 167 -7.58 -22.69 -0.29
CA ASN B 167 -8.80 -22.35 0.41
C ASN B 167 -8.63 -21.22 1.39
N ILE B 168 -7.46 -20.65 1.41
CA ILE B 168 -7.11 -19.52 2.26
C ILE B 168 -6.95 -18.29 1.33
N LEU B 169 -7.93 -17.36 1.38
CA LEU B 169 -7.87 -16.11 0.60
C LEU B 169 -7.09 -15.04 1.36
N ILE B 170 -6.28 -14.27 0.64
CA ILE B 170 -5.48 -13.19 1.20
C ILE B 170 -5.93 -11.91 0.51
N THR B 171 -6.38 -10.91 1.29
CA THR B 171 -6.82 -9.61 0.75
C THR B 171 -5.62 -8.65 0.59
N PRO B 172 -5.68 -7.55 -0.22
CA PRO B 172 -4.52 -6.65 -0.28
C PRO B 172 -4.24 -5.92 1.03
N THR B 173 -5.29 -5.78 1.90
CA THR B 173 -5.19 -5.17 3.25
C THR B 173 -4.36 -6.09 4.19
N GLY B 174 -4.33 -7.39 3.88
CA GLY B 174 -3.62 -8.43 4.63
C GLY B 174 -4.53 -9.34 5.43
N GLN B 175 -5.83 -9.41 5.07
CA GLN B 175 -6.82 -10.23 5.77
C GLN B 175 -7.02 -11.61 5.17
N VAL B 176 -7.18 -12.60 6.06
CA VAL B 176 -7.39 -14.01 5.75
C VAL B 176 -8.89 -14.32 5.77
N LYS B 177 -9.36 -15.02 4.72
CA LYS B 177 -10.76 -15.44 4.56
C LYS B 177 -10.83 -16.95 4.21
N ILE B 178 -11.52 -17.73 5.05
CA ILE B 178 -11.69 -19.17 4.88
C ILE B 178 -12.85 -19.46 3.92
N THR B 179 -12.55 -20.21 2.86
CA THR B 179 -13.50 -20.62 1.82
C THR B 179 -13.56 -22.15 1.73
N ASP B 180 -14.56 -22.65 0.98
CA ASP B 180 -14.81 -24.05 0.62
C ASP B 180 -14.97 -25.01 1.80
N PHE B 181 -16.23 -25.23 2.26
CA PHE B 181 -16.60 -26.19 3.31
C PHE B 181 -17.32 -27.40 2.62
N GLY B 182 -16.94 -27.65 1.36
CA GLY B 182 -17.48 -28.68 0.48
C GLY B 182 -17.44 -30.11 1.00
N ILE B 183 -16.29 -30.56 1.53
CA ILE B 183 -16.13 -31.92 2.07
C ILE B 183 -16.06 -31.94 3.61
N ALA B 184 -16.42 -30.80 4.25
CA ALA B 184 -16.43 -30.63 5.71
C ALA B 184 -17.48 -31.52 6.37
N LYS B 185 -17.15 -32.10 7.53
CA LYS B 185 -18.06 -32.95 8.31
C LYS B 185 -18.16 -32.46 9.75
N ALA B 186 -19.34 -32.67 10.37
CA ALA B 186 -19.61 -32.28 11.76
C ALA B 186 -19.24 -33.41 12.75
N VAL B 187 -17.96 -33.48 13.13
CA VAL B 187 -17.44 -34.49 14.06
C VAL B 187 -17.03 -33.80 15.36
N GLY B 196 -8.03 -43.69 -5.76
CA GLY B 196 -7.92 -42.90 -4.55
C GLY B 196 -8.06 -41.41 -4.74
N MET B 197 -7.78 -40.63 -3.67
CA MET B 197 -7.87 -39.17 -3.67
C MET B 197 -6.69 -38.50 -4.45
N VAL B 198 -6.80 -37.17 -4.70
CA VAL B 198 -5.83 -36.39 -5.46
C VAL B 198 -4.71 -35.77 -4.59
N MET B 199 -3.69 -35.21 -5.26
CA MET B 199 -2.51 -34.53 -4.69
C MET B 199 -2.86 -33.33 -3.82
N GLY B 200 -3.95 -32.63 -4.16
CA GLY B 200 -4.49 -31.47 -3.45
C GLY B 200 -4.72 -31.73 -1.97
N THR B 201 -5.44 -32.83 -1.66
CA THR B 201 -5.67 -33.27 -0.28
C THR B 201 -4.36 -33.83 0.27
N ALA B 202 -3.78 -34.84 -0.45
CA ALA B 202 -2.54 -35.57 -0.13
C ALA B 202 -1.39 -34.72 0.38
N GLN B 203 -1.09 -33.58 -0.27
CA GLN B 203 0.00 -32.68 0.14
C GLN B 203 -0.17 -32.08 1.55
N TYR B 204 -1.43 -31.97 2.05
CA TYR B 204 -1.77 -31.36 3.34
C TYR B 204 -2.63 -32.27 4.25
N ILE B 205 -2.84 -33.53 3.88
CA ILE B 205 -3.67 -34.46 4.67
C ILE B 205 -3.03 -34.84 6.03
N ALA B 206 -3.86 -34.88 7.08
CA ALA B 206 -3.49 -35.28 8.43
C ALA B 206 -3.21 -36.81 8.41
N PRO B 207 -2.21 -37.32 9.17
CA PRO B 207 -1.92 -38.77 9.12
C PRO B 207 -3.11 -39.69 9.39
N GLU B 208 -3.97 -39.32 10.37
CA GLU B 208 -5.15 -40.11 10.74
C GLU B 208 -6.20 -40.13 9.63
N GLN B 209 -6.36 -39.00 8.89
CA GLN B 209 -7.28 -38.88 7.76
C GLN B 209 -6.80 -39.81 6.64
N ALA B 210 -5.47 -39.82 6.39
CA ALA B 210 -4.81 -40.69 5.41
C ALA B 210 -5.05 -42.15 5.77
N LEU B 211 -5.10 -42.48 7.09
CA LEU B 211 -5.34 -43.86 7.56
C LEU B 211 -6.83 -44.23 7.60
N GLY B 212 -7.68 -43.34 7.10
CA GLY B 212 -9.11 -43.60 7.04
C GLY B 212 -9.89 -43.23 8.28
N HIS B 213 -9.20 -42.76 9.34
CA HIS B 213 -9.88 -42.37 10.57
C HIS B 213 -10.57 -41.03 10.41
N ASP B 214 -11.71 -40.87 11.10
CA ASP B 214 -12.51 -39.65 11.06
C ASP B 214 -11.72 -38.42 11.44
N ALA B 215 -11.89 -37.33 10.69
CA ALA B 215 -11.24 -36.04 10.96
C ALA B 215 -11.83 -35.38 12.21
N SER B 216 -10.98 -34.65 12.94
CA SER B 216 -11.31 -33.92 14.16
C SER B 216 -10.70 -32.50 14.03
N PRO B 217 -11.04 -31.51 14.90
CA PRO B 217 -10.38 -30.19 14.79
C PRO B 217 -8.84 -30.24 14.79
N ALA B 218 -8.26 -31.32 15.34
CA ALA B 218 -6.82 -31.54 15.39
C ALA B 218 -6.25 -31.83 13.99
N SER B 219 -7.08 -32.43 13.11
CA SER B 219 -6.74 -32.72 11.71
C SER B 219 -6.49 -31.42 10.95
N ASP B 220 -7.38 -30.41 11.14
CA ASP B 220 -7.31 -29.06 10.53
C ASP B 220 -6.08 -28.30 10.99
N VAL B 221 -5.70 -28.51 12.27
CA VAL B 221 -4.50 -27.94 12.89
C VAL B 221 -3.26 -28.50 12.15
N TYR B 222 -3.15 -29.86 12.01
CA TYR B 222 -2.03 -30.50 11.29
C TYR B 222 -1.89 -29.87 9.91
N SER B 223 -3.00 -29.86 9.13
CA SER B 223 -3.10 -29.31 7.79
C SER B 223 -2.58 -27.87 7.74
N LEU B 224 -2.95 -27.03 8.73
CA LEU B 224 -2.47 -25.66 8.84
C LEU B 224 -0.96 -25.60 9.21
N GLY B 225 -0.47 -26.64 9.92
CA GLY B 225 0.95 -26.80 10.27
C GLY B 225 1.78 -27.10 9.03
N VAL B 226 1.19 -27.87 8.06
CA VAL B 226 1.79 -28.19 6.75
C VAL B 226 1.85 -26.87 5.91
N VAL B 227 0.80 -26.03 6.04
CA VAL B 227 0.69 -24.73 5.37
C VAL B 227 1.79 -23.83 5.90
N GLY B 228 1.95 -23.82 7.24
CA GLY B 228 2.99 -23.06 7.94
C GLY B 228 4.40 -23.46 7.52
N TYR B 229 4.67 -24.78 7.46
CA TYR B 229 5.95 -25.35 7.02
C TYR B 229 6.35 -24.76 5.65
N GLU B 230 5.41 -24.83 4.67
CA GLU B 230 5.54 -24.33 3.30
C GLU B 230 5.66 -22.80 3.24
N ALA B 231 4.90 -22.09 4.08
CA ALA B 231 4.92 -20.63 4.14
C ALA B 231 6.26 -20.09 4.67
N VAL B 232 6.90 -20.79 5.61
CA VAL B 232 8.19 -20.32 6.17
C VAL B 232 9.41 -20.84 5.38
N SER B 233 9.36 -22.09 4.89
CA SER B 233 10.49 -22.70 4.16
C SER B 233 10.49 -22.47 2.65
N GLY B 234 9.31 -22.39 2.04
CA GLY B 234 9.15 -22.22 0.60
C GLY B 234 8.98 -23.53 -0.15
N LYS B 235 8.88 -24.64 0.60
CA LYS B 235 8.71 -26.01 0.11
C LYS B 235 7.84 -26.79 1.12
N ARG B 236 6.93 -27.66 0.63
CA ARG B 236 6.06 -28.49 1.47
C ARG B 236 6.90 -29.56 2.23
N PRO B 237 6.44 -30.14 3.37
CA PRO B 237 7.28 -31.14 4.05
C PRO B 237 7.44 -32.43 3.29
N PHE B 238 6.37 -32.94 2.67
CA PHE B 238 6.39 -34.19 1.93
C PHE B 238 6.08 -34.02 0.45
N ALA B 239 6.77 -34.79 -0.39
CA ALA B 239 6.58 -34.77 -1.83
C ALA B 239 6.69 -36.18 -2.43
N GLY B 240 6.43 -36.27 -3.72
CA GLY B 240 6.51 -37.51 -4.49
C GLY B 240 5.59 -37.45 -5.69
N ASP B 241 5.60 -38.51 -6.51
CA ASP B 241 4.71 -38.59 -7.67
C ASP B 241 3.30 -39.01 -7.18
N GLY B 242 2.32 -38.99 -8.09
CA GLY B 242 0.95 -39.41 -7.81
C GLY B 242 0.18 -38.66 -6.74
N ALA B 243 0.21 -39.18 -5.47
CA ALA B 243 -0.49 -38.69 -4.27
C ALA B 243 -0.43 -39.73 -3.15
N LEU B 244 -0.34 -41.02 -3.51
CA LEU B 244 -0.27 -42.14 -2.58
C LEU B 244 1.04 -42.17 -1.79
N TPO B 245 2.16 -41.72 -2.41
CA TPO B 245 3.47 -41.63 -1.77
CB TPO B 245 4.53 -41.42 -2.89
CG2 TPO B 245 5.94 -41.08 -2.40
OG1 TPO B 245 4.62 -42.65 -3.65
P TPO B 245 4.25 -42.58 -5.15
O1P TPO B 245 5.02 -41.46 -5.87
O2P TPO B 245 4.56 -43.94 -5.80
O3P TPO B 245 2.75 -42.35 -5.22
C TPO B 245 3.47 -40.52 -0.73
O TPO B 245 4.01 -40.71 0.36
N VAL B 246 2.85 -39.37 -1.07
CA VAL B 246 2.72 -38.20 -0.21
C VAL B 246 1.86 -38.53 1.03
N ALA B 247 0.69 -39.18 0.82
CA ALA B 247 -0.21 -39.62 1.88
C ALA B 247 0.55 -40.57 2.83
N MET B 248 1.34 -41.50 2.25
CA MET B 248 2.17 -42.46 2.97
C MET B 248 3.26 -41.79 3.79
N LYS B 249 3.88 -40.71 3.24
CA LYS B 249 4.93 -39.98 3.94
C LYS B 249 4.38 -39.30 5.19
N HIS B 250 3.16 -38.69 5.11
CA HIS B 250 2.45 -38.06 6.23
C HIS B 250 2.24 -39.07 7.36
N ILE B 251 1.88 -40.34 7.02
CA ILE B 251 1.67 -41.43 7.99
C ILE B 251 2.99 -41.83 8.65
N LYS B 252 4.01 -42.16 7.83
CA LYS B 252 5.29 -42.71 8.28
C LYS B 252 6.41 -41.69 8.51
N GLU B 253 6.94 -41.07 7.43
CA GLU B 253 8.09 -40.17 7.46
C GLU B 253 7.97 -38.92 8.34
N PRO B 254 8.96 -38.66 9.22
CA PRO B 254 8.91 -37.43 10.04
C PRO B 254 9.16 -36.19 9.18
N PRO B 255 8.62 -35.00 9.55
CA PRO B 255 8.84 -33.81 8.71
C PRO B 255 10.32 -33.45 8.58
N PRO B 256 10.79 -33.08 7.37
CA PRO B 256 12.22 -32.77 7.21
C PRO B 256 12.66 -31.55 8.01
N PRO B 257 13.96 -31.44 8.39
CA PRO B 257 14.39 -30.29 9.19
C PRO B 257 14.29 -28.98 8.41
N LEU B 258 13.62 -27.99 9.02
CA LEU B 258 13.44 -26.63 8.49
C LEU B 258 14.82 -25.94 8.47
N PRO B 259 15.02 -24.77 7.79
CA PRO B 259 16.36 -24.16 7.82
C PRO B 259 16.79 -23.79 9.25
N PRO B 260 18.07 -24.00 9.66
CA PRO B 260 18.48 -23.63 11.03
C PRO B 260 18.46 -22.11 11.24
N ASP B 261 18.40 -21.36 10.12
CA ASP B 261 18.31 -19.90 10.02
C ASP B 261 17.03 -19.38 10.68
N LEU B 262 16.00 -20.25 10.74
CA LEU B 262 14.70 -19.96 11.33
C LEU B 262 14.79 -19.91 12.87
N PRO B 263 14.07 -18.98 13.55
CA PRO B 263 14.12 -18.93 15.03
C PRO B 263 13.58 -20.20 15.69
N PRO B 264 14.17 -20.66 16.81
CA PRO B 264 13.69 -21.90 17.47
C PRO B 264 12.19 -21.94 17.77
N ASN B 265 11.59 -20.82 18.21
CA ASN B 265 10.16 -20.72 18.53
C ASN B 265 9.26 -21.07 17.33
N VAL B 266 9.69 -20.67 16.11
CA VAL B 266 8.98 -20.92 14.86
C VAL B 266 9.11 -22.41 14.50
N ARG B 267 10.36 -22.91 14.47
CA ARG B 267 10.69 -24.30 14.17
C ARG B 267 9.93 -25.25 15.11
N GLU B 268 9.96 -24.99 16.43
CA GLU B 268 9.27 -25.77 17.46
C GLU B 268 7.75 -25.78 17.24
N LEU B 269 7.14 -24.63 16.91
CA LEU B 269 5.70 -24.48 16.64
C LEU B 269 5.22 -25.36 15.48
N ILE B 270 5.95 -25.35 14.34
CA ILE B 270 5.66 -26.16 13.17
C ILE B 270 5.79 -27.64 13.56
N GLU B 271 6.85 -27.97 14.31
CA GLU B 271 7.14 -29.32 14.79
C GLU B 271 6.05 -29.88 15.69
N ILE B 272 5.54 -29.10 16.65
CA ILE B 272 4.47 -29.50 17.57
C ILE B 272 3.17 -29.79 16.81
N THR B 273 2.87 -28.98 15.79
CA THR B 273 1.68 -29.13 14.96
C THR B 273 1.83 -30.26 13.96
N LEU B 274 3.06 -30.70 13.65
CA LEU B 274 3.24 -31.78 12.69
C LEU B 274 3.45 -33.15 13.34
N VAL B 275 3.17 -33.27 14.66
CA VAL B 275 3.30 -34.56 15.33
C VAL B 275 2.17 -35.48 14.83
N LYS B 276 2.52 -36.71 14.43
CA LYS B 276 1.61 -37.70 13.83
C LYS B 276 0.35 -38.01 14.65
N ASN B 277 0.43 -38.11 15.99
CA ASN B 277 -0.74 -38.43 16.79
C ASN B 277 -1.60 -37.20 17.11
N PRO B 278 -2.90 -37.18 16.67
CA PRO B 278 -3.78 -36.04 16.98
C PRO B 278 -3.90 -35.64 18.45
N ALA B 279 -3.80 -36.62 19.37
CA ALA B 279 -3.88 -36.39 20.82
C ALA B 279 -2.71 -35.54 21.33
N MET B 280 -1.53 -35.63 20.66
CA MET B 280 -0.33 -34.88 21.00
C MET B 280 -0.25 -33.47 20.33
N ARG B 281 -1.23 -33.14 19.45
CA ARG B 281 -1.32 -31.84 18.77
C ARG B 281 -2.27 -30.89 19.51
N TYR B 282 -2.34 -29.64 19.04
CA TYR B 282 -3.30 -28.68 19.54
C TYR B 282 -4.64 -29.09 18.93
N ARG B 283 -5.68 -29.25 19.75
CA ARG B 283 -7.02 -29.54 19.24
C ARG B 283 -7.52 -28.16 18.90
N SER B 284 -8.58 -28.02 18.09
CA SER B 284 -9.18 -26.70 17.77
C SER B 284 -8.20 -25.61 17.23
N GLY B 285 -8.74 -24.70 16.42
CA GLY B 285 -8.01 -23.58 15.85
C GLY B 285 -7.46 -22.62 16.90
N GLY B 286 -8.28 -22.34 17.93
CA GLY B 286 -7.98 -21.47 19.06
C GLY B 286 -6.69 -21.77 19.81
N PRO B 287 -6.53 -22.96 20.44
CA PRO B 287 -5.26 -23.26 21.15
C PRO B 287 -4.02 -23.16 20.27
N PHE B 288 -4.15 -23.43 18.95
CA PHE B 288 -3.04 -23.29 18.01
C PHE B 288 -2.76 -21.79 17.79
N ALA B 289 -3.83 -20.97 17.57
CA ALA B 289 -3.75 -19.53 17.36
C ALA B 289 -3.13 -18.83 18.57
N ASP B 290 -3.52 -19.26 19.80
CA ASP B 290 -2.97 -18.75 21.06
C ASP B 290 -1.48 -19.07 21.10
N ALA B 291 -1.09 -20.27 20.61
CA ALA B 291 0.31 -20.73 20.54
C ALA B 291 1.10 -19.96 19.48
N VAL B 292 0.42 -19.49 18.40
CA VAL B 292 1.04 -18.69 17.33
C VAL B 292 1.38 -17.30 17.90
N ALA B 293 0.46 -16.75 18.73
CA ALA B 293 0.62 -15.46 19.41
C ALA B 293 1.87 -15.44 20.29
N ALA B 294 2.14 -16.55 21.02
CA ALA B 294 3.31 -16.73 21.90
C ALA B 294 4.61 -16.61 21.10
N VAL B 295 4.71 -17.27 19.92
CA VAL B 295 5.87 -17.20 19.02
C VAL B 295 6.06 -15.74 18.54
N ARG B 296 4.95 -15.05 18.15
CA ARG B 296 4.92 -13.65 17.70
C ARG B 296 5.41 -12.69 18.80
N ALA B 297 5.22 -13.08 20.08
CA ALA B 297 5.61 -12.32 21.27
C ALA B 297 6.95 -12.83 21.84
N GLY B 298 7.75 -13.48 21.00
CA GLY B 298 9.07 -14.00 21.35
C GLY B 298 9.12 -15.12 22.38
N ARG B 299 7.96 -15.61 22.83
CA ARG B 299 7.85 -16.70 23.81
C ARG B 299 7.90 -18.05 23.08
N ARG B 300 8.20 -19.14 23.82
CA ARG B 300 8.25 -20.50 23.29
C ARG B 300 6.82 -21.04 23.08
N PRO B 301 6.55 -21.83 22.02
CA PRO B 301 5.19 -22.38 21.84
C PRO B 301 4.79 -23.33 23.00
N PRO B 302 3.65 -23.06 23.67
CA PRO B 302 3.23 -23.94 24.78
C PRO B 302 2.84 -25.36 24.35
N ARG B 303 3.18 -26.38 25.16
CA ARG B 303 2.85 -27.78 24.88
C ARG B 303 1.31 -27.99 24.94
N PRO B 304 0.70 -28.71 23.97
CA PRO B 304 -0.76 -28.92 24.00
C PRO B 304 -1.32 -29.58 25.27
N SER B 305 -0.72 -30.72 25.71
CA SER B 305 -1.10 -31.51 26.89
C SER B 305 -2.59 -31.89 26.94
N PRO C 24 -47.06 -6.71 10.90
CA PRO C 24 -46.25 -7.91 11.16
C PRO C 24 -46.81 -8.77 12.29
N ARG C 25 -46.79 -10.10 12.12
CA ARG C 25 -47.28 -11.05 13.11
C ARG C 25 -46.18 -12.06 13.54
N VAL C 26 -46.29 -12.53 14.79
CA VAL C 26 -45.39 -13.48 15.49
C VAL C 26 -45.11 -14.79 14.70
N GLY C 27 -46.12 -15.34 14.02
CA GLY C 27 -45.97 -16.59 13.26
C GLY C 27 -45.99 -16.48 11.76
N VAL C 28 -45.75 -15.27 11.20
CA VAL C 28 -45.77 -15.00 9.76
C VAL C 28 -44.48 -15.49 9.08
N THR C 29 -44.64 -16.28 8.01
CA THR C 29 -43.57 -16.83 7.20
C THR C 29 -43.44 -15.95 5.95
N LEU C 30 -42.44 -15.05 5.95
CA LEU C 30 -42.18 -14.11 4.85
C LEU C 30 -41.59 -14.81 3.63
N SER C 31 -42.34 -14.75 2.51
CA SER C 31 -42.03 -15.37 1.21
C SER C 31 -41.75 -16.88 1.32
N GLY C 32 -42.49 -17.54 2.22
CA GLY C 32 -42.39 -18.97 2.52
C GLY C 32 -41.02 -19.43 2.96
N ARG C 33 -40.15 -18.47 3.36
CA ARG C 33 -38.77 -18.73 3.76
C ARG C 33 -38.40 -18.12 5.12
N TYR C 34 -38.62 -16.82 5.31
CA TYR C 34 -38.24 -16.16 6.55
C TYR C 34 -39.38 -16.11 7.57
N ARG C 35 -39.47 -17.14 8.43
N ARG C 35 -39.50 -17.15 8.42
CA ARG C 35 -40.48 -17.25 9.48
CA ARG C 35 -40.53 -17.22 9.45
C ARG C 35 -40.10 -16.32 10.64
C ARG C 35 -40.12 -16.34 10.64
N LEU C 36 -41.00 -15.41 11.02
CA LEU C 36 -40.78 -14.47 12.13
C LEU C 36 -40.90 -15.16 13.49
N GLN C 37 -40.23 -14.61 14.53
CA GLN C 37 -40.23 -15.15 15.89
C GLN C 37 -40.46 -14.07 16.96
N ARG C 38 -39.39 -13.56 17.62
CA ARG C 38 -39.49 -12.53 18.66
C ARG C 38 -39.20 -11.12 18.13
N LEU C 39 -39.79 -10.09 18.75
CA LEU C 39 -39.54 -8.70 18.38
C LEU C 39 -38.29 -8.23 19.13
N ILE C 40 -37.38 -7.58 18.41
CA ILE C 40 -36.13 -7.10 18.99
C ILE C 40 -36.19 -5.62 19.35
N ALA C 41 -36.35 -4.75 18.33
CA ALA C 41 -36.37 -3.30 18.49
C ALA C 41 -37.32 -2.61 17.53
N THR C 42 -37.86 -1.46 17.94
CA THR C 42 -38.75 -0.65 17.12
C THR C 42 -38.03 0.67 16.86
N GLY C 43 -37.82 0.98 15.59
CA GLY C 43 -37.14 2.19 15.15
C GLY C 43 -38.09 3.24 14.62
N GLY C 44 -37.76 3.81 13.46
CA GLY C 44 -38.55 4.84 12.80
C GLY C 44 -39.65 4.27 11.93
N MET C 45 -39.28 3.79 10.72
CA MET C 45 -40.21 3.22 9.74
C MET C 45 -40.25 1.67 9.77
N GLY C 46 -39.24 1.05 10.39
CA GLY C 46 -39.12 -0.40 10.47
C GLY C 46 -39.21 -1.02 11.84
N GLN C 47 -39.52 -2.34 11.85
CA GLN C 47 -39.63 -3.20 13.03
C GLN C 47 -38.54 -4.28 12.92
N VAL C 48 -37.58 -4.28 13.85
CA VAL C 48 -36.48 -5.26 13.88
C VAL C 48 -36.96 -6.55 14.56
N TRP C 49 -36.95 -7.67 13.82
CA TRP C 49 -37.42 -8.96 14.33
C TRP C 49 -36.36 -10.05 14.29
N GLU C 50 -36.56 -11.09 15.11
CA GLU C 50 -35.74 -12.29 15.17
C GLU C 50 -36.48 -13.26 14.25
N ALA C 51 -35.76 -13.79 13.27
CA ALA C 51 -36.35 -14.71 12.28
C ALA C 51 -35.47 -15.93 12.06
N VAL C 52 -35.95 -16.86 11.22
CA VAL C 52 -35.26 -18.09 10.86
C VAL C 52 -35.29 -18.27 9.35
N ASP C 53 -34.11 -18.44 8.73
CA ASP C 53 -34.02 -18.71 7.31
C ASP C 53 -34.30 -20.21 7.17
N ASN C 54 -35.47 -20.55 6.60
CA ASN C 54 -35.87 -21.94 6.42
C ASN C 54 -35.00 -22.63 5.37
N ARG C 55 -34.39 -21.85 4.45
CA ARG C 55 -33.54 -22.38 3.40
C ARG C 55 -32.12 -22.71 3.88
N LEU C 56 -31.43 -21.75 4.50
CA LEU C 56 -30.06 -21.95 4.97
C LEU C 56 -29.95 -22.50 6.41
N GLY C 57 -31.08 -22.54 7.12
CA GLY C 57 -31.16 -23.05 8.49
C GLY C 57 -30.37 -22.24 9.50
N ARG C 58 -30.51 -20.92 9.45
CA ARG C 58 -29.81 -20.03 10.36
C ARG C 58 -30.73 -18.93 10.90
N ARG C 59 -30.40 -18.43 12.11
CA ARG C 59 -31.12 -17.34 12.73
C ARG C 59 -30.69 -16.00 12.09
N VAL C 60 -31.67 -15.19 11.65
CA VAL C 60 -31.42 -13.90 11.00
C VAL C 60 -32.26 -12.78 11.60
N ALA C 61 -31.81 -11.53 11.42
CA ALA C 61 -32.55 -10.33 11.81
C ALA C 61 -33.34 -9.91 10.55
N VAL C 62 -34.63 -9.57 10.69
CA VAL C 62 -35.46 -9.16 9.56
C VAL C 62 -36.23 -7.87 9.91
N LYS C 63 -35.93 -6.78 9.17
CA LYS C 63 -36.53 -5.45 9.31
C LYS C 63 -37.77 -5.36 8.42
N VAL C 64 -38.93 -4.99 8.99
CA VAL C 64 -40.20 -4.88 8.25
C VAL C 64 -40.85 -3.52 8.38
N LEU C 65 -41.43 -3.01 7.27
CA LEU C 65 -42.17 -1.74 7.25
C LEU C 65 -43.46 -1.93 8.04
N LYS C 66 -43.70 -1.04 9.03
CA LYS C 66 -44.87 -1.08 9.92
C LYS C 66 -46.22 -1.08 9.14
N SER C 67 -47.30 -1.59 9.78
CA SER C 67 -48.65 -1.71 9.18
C SER C 67 -49.38 -0.36 8.96
N GLU C 68 -48.65 0.63 8.43
CA GLU C 68 -49.11 1.97 8.10
C GLU C 68 -48.24 2.56 6.97
N PHE C 69 -46.93 2.21 6.96
CA PHE C 69 -45.97 2.65 5.95
C PHE C 69 -45.85 1.65 4.79
N SER C 70 -46.34 0.40 5.02
CA SER C 70 -46.33 -0.72 4.07
C SER C 70 -47.17 -0.51 2.80
N SER C 71 -47.96 0.56 2.75
CA SER C 71 -48.80 0.92 1.60
C SER C 71 -48.35 2.27 1.00
N ASP C 72 -47.62 3.09 1.79
CA ASP C 72 -47.13 4.42 1.40
C ASP C 72 -45.97 4.34 0.39
N PRO C 73 -46.12 4.97 -0.81
CA PRO C 73 -45.04 4.91 -1.82
C PRO C 73 -43.74 5.62 -1.43
N GLU C 74 -43.82 6.75 -0.68
CA GLU C 74 -42.63 7.49 -0.23
C GLU C 74 -41.87 6.71 0.86
N PHE C 75 -42.57 5.79 1.54
CA PHE C 75 -42.00 4.95 2.59
C PHE C 75 -41.47 3.63 2.03
N ILE C 76 -42.12 3.11 0.96
CA ILE C 76 -41.71 1.90 0.24
C ILE C 76 -40.34 2.18 -0.42
N GLU C 77 -40.19 3.37 -1.01
CA GLU C 77 -38.97 3.84 -1.67
C GLU C 77 -37.87 4.20 -0.69
N ARG C 78 -38.21 4.63 0.52
CA ARG C 78 -37.21 4.98 1.54
C ARG C 78 -36.58 3.71 2.11
N PHE C 79 -37.39 2.66 2.27
CA PHE C 79 -36.96 1.35 2.77
C PHE C 79 -36.05 0.68 1.74
N ARG C 80 -36.43 0.74 0.43
CA ARG C 80 -35.67 0.22 -0.70
C ARG C 80 -34.30 0.91 -0.78
N ALA C 81 -34.28 2.24 -0.51
CA ALA C 81 -33.07 3.06 -0.50
C ALA C 81 -32.12 2.57 0.59
N GLU C 82 -32.66 2.30 1.81
CA GLU C 82 -31.92 1.78 2.97
C GLU C 82 -31.29 0.42 2.64
N ALA C 83 -32.05 -0.44 1.93
CA ALA C 83 -31.60 -1.76 1.51
C ALA C 83 -30.38 -1.67 0.60
N ARG C 84 -30.49 -0.93 -0.52
CA ARG C 84 -29.40 -0.75 -1.48
C ARG C 84 -28.19 -0.07 -0.83
N THR C 85 -28.45 0.89 0.08
CA THR C 85 -27.44 1.65 0.84
C THR C 85 -26.66 0.75 1.81
N THR C 86 -27.37 -0.03 2.66
CA THR C 86 -26.73 -0.91 3.64
C THR C 86 -25.97 -2.08 2.96
N ALA C 87 -26.57 -2.67 1.90
CA ALA C 87 -25.98 -3.76 1.12
C ALA C 87 -24.68 -3.34 0.42
N MET C 88 -24.55 -2.06 0.12
CA MET C 88 -23.42 -1.39 -0.56
C MET C 88 -22.12 -1.49 0.26
N LEU C 89 -22.24 -1.62 1.59
CA LEU C 89 -21.10 -1.62 2.50
C LEU C 89 -20.76 -2.99 3.08
N ASN C 90 -19.49 -3.37 2.99
CA ASN C 90 -18.99 -4.60 3.57
C ASN C 90 -17.93 -4.23 4.58
N HIS C 91 -18.22 -4.51 5.87
CA HIS C 91 -17.36 -4.25 7.02
C HIS C 91 -17.91 -4.99 8.26
N PRO C 92 -17.02 -5.54 9.14
CA PRO C 92 -17.52 -6.24 10.35
C PRO C 92 -18.20 -5.32 11.36
N GLY C 93 -17.82 -4.03 11.34
CA GLY C 93 -18.38 -3.00 12.22
C GLY C 93 -19.71 -2.43 11.75
N ILE C 94 -20.21 -2.87 10.56
CA ILE C 94 -21.50 -2.47 10.01
C ILE C 94 -22.31 -3.75 9.87
N ALA C 95 -23.50 -3.81 10.49
CA ALA C 95 -24.37 -4.99 10.41
C ALA C 95 -24.67 -5.31 8.92
N SER C 96 -24.29 -6.51 8.47
CA SER C 96 -24.39 -6.95 7.07
C SER C 96 -25.81 -7.28 6.61
N VAL C 97 -26.06 -7.11 5.30
CA VAL C 97 -27.32 -7.41 4.61
C VAL C 97 -27.14 -8.73 3.84
N HIS C 98 -28.18 -9.58 3.82
CA HIS C 98 -28.13 -10.85 3.10
C HIS C 98 -29.18 -10.90 2.00
N ASP C 99 -30.37 -10.32 2.27
CA ASP C 99 -31.48 -10.35 1.30
C ASP C 99 -32.47 -9.19 1.49
N TYR C 100 -33.28 -8.93 0.46
CA TYR C 100 -34.38 -7.98 0.45
C TYR C 100 -35.52 -8.65 -0.32
N GLY C 101 -36.76 -8.34 0.07
CA GLY C 101 -37.94 -8.88 -0.59
C GLY C 101 -39.21 -8.17 -0.22
N GLU C 102 -40.30 -8.53 -0.92
CA GLU C 102 -41.63 -7.98 -0.72
C GLU C 102 -42.64 -9.13 -0.78
N SER C 103 -43.41 -9.35 0.30
CA SER C 103 -44.41 -10.42 0.39
C SER C 103 -45.83 -9.89 0.36
N GLY C 109 -52.29 -4.92 0.78
CA GLY C 109 -50.96 -4.31 0.74
C GLY C 109 -49.81 -5.30 0.61
N ARG C 110 -48.57 -4.79 0.70
CA ARG C 110 -47.34 -5.57 0.59
C ARG C 110 -46.36 -5.34 1.76
N THR C 111 -45.77 -6.44 2.26
CA THR C 111 -44.81 -6.42 3.38
C THR C 111 -43.37 -6.44 2.84
N ALA C 112 -42.65 -5.31 2.96
CA ALA C 112 -41.26 -5.19 2.52
C ALA C 112 -40.33 -5.56 3.66
N TYR C 113 -39.38 -6.48 3.40
CA TYR C 113 -38.45 -6.96 4.43
C TYR C 113 -36.97 -6.86 4.02
N LEU C 114 -36.10 -6.59 5.00
CA LEU C 114 -34.65 -6.47 4.84
C LEU C 114 -33.92 -7.49 5.76
N VAL C 115 -33.42 -8.59 5.17
CA VAL C 115 -32.73 -9.69 5.85
C VAL C 115 -31.29 -9.31 6.20
N MET C 116 -30.92 -9.51 7.47
CA MET C 116 -29.60 -9.13 7.96
C MET C 116 -28.94 -10.14 8.88
N GLU C 117 -27.67 -9.86 9.21
CA GLU C 117 -26.80 -10.56 10.12
C GLU C 117 -27.41 -10.42 11.53
N LEU C 118 -27.79 -11.53 12.19
CA LEU C 118 -28.38 -11.47 13.54
C LEU C 118 -27.29 -11.37 14.61
N VAL C 119 -26.99 -10.14 15.04
CA VAL C 119 -25.97 -9.84 16.03
C VAL C 119 -26.55 -9.99 17.45
N ASN C 120 -25.80 -10.65 18.34
CA ASN C 120 -26.17 -10.77 19.76
C ASN C 120 -25.39 -9.64 20.44
N GLY C 121 -26.10 -8.59 20.82
CA GLY C 121 -25.49 -7.41 21.44
C GLY C 121 -26.49 -6.39 21.92
N GLU C 122 -26.11 -5.62 22.94
CA GLU C 122 -26.94 -4.58 23.54
C GLU C 122 -26.68 -3.22 22.89
N PRO C 123 -27.74 -2.44 22.52
CA PRO C 123 -27.48 -1.10 21.96
C PRO C 123 -27.04 -0.15 23.07
N LEU C 124 -26.09 0.75 22.77
CA LEU C 124 -25.52 1.71 23.73
C LEU C 124 -26.58 2.55 24.50
N ASN C 125 -27.83 2.62 23.98
CA ASN C 125 -28.95 3.32 24.63
C ASN C 125 -29.41 2.59 25.91
N SER C 126 -29.14 1.26 26.01
CA SER C 126 -29.47 0.43 27.16
C SER C 126 -28.24 0.22 28.04
N VAL C 127 -27.04 0.34 27.43
CA VAL C 127 -25.74 0.21 28.10
C VAL C 127 -25.54 1.41 29.04
N LEU C 128 -25.65 2.64 28.50
CA LEU C 128 -25.49 3.88 29.27
C LEU C 128 -26.63 4.12 30.28
N LYS C 129 -27.76 3.40 30.13
CA LYS C 129 -28.90 3.47 31.04
C LYS C 129 -28.57 2.67 32.33
N ARG C 130 -27.73 1.63 32.20
CA ARG C 130 -27.30 0.74 33.28
C ARG C 130 -25.88 1.03 33.82
N THR C 131 -25.02 1.70 33.01
CA THR C 131 -23.64 2.01 33.41
C THR C 131 -23.38 3.49 33.74
N GLY C 132 -24.21 4.39 33.20
CA GLY C 132 -24.06 5.82 33.38
C GLY C 132 -22.95 6.37 32.52
N ARG C 133 -21.70 6.16 32.96
CA ARG C 133 -20.49 6.56 32.23
C ARG C 133 -19.57 5.35 32.07
N LEU C 134 -19.12 5.09 30.84
CA LEU C 134 -18.20 4.00 30.56
C LEU C 134 -16.78 4.41 30.96
N SER C 135 -15.91 3.42 31.25
CA SER C 135 -14.51 3.68 31.60
C SER C 135 -13.78 4.25 30.37
N LEU C 136 -12.68 4.98 30.59
CA LEU C 136 -11.89 5.59 29.52
C LEU C 136 -11.36 4.56 28.53
N ARG C 137 -11.00 3.35 29.04
CA ARG C 137 -10.54 2.23 28.23
C ARG C 137 -11.67 1.70 27.33
N HIS C 138 -12.91 1.62 27.85
CA HIS C 138 -14.08 1.14 27.10
C HIS C 138 -14.66 2.16 26.12
N ALA C 139 -14.80 3.44 26.55
CA ALA C 139 -15.36 4.53 25.74
C ALA C 139 -14.48 4.89 24.54
N LEU C 140 -13.14 4.97 24.74
CA LEU C 140 -12.19 5.28 23.65
C LEU C 140 -12.09 4.15 22.64
N ASP C 141 -12.46 2.92 23.05
CA ASP C 141 -12.43 1.74 22.19
C ASP C 141 -13.51 1.83 21.13
N MET C 142 -14.78 1.98 21.57
CA MET C 142 -15.93 2.08 20.69
C MET C 142 -15.85 3.28 19.75
N LEU C 143 -15.28 4.40 20.22
CA LEU C 143 -15.12 5.62 19.40
C LEU C 143 -14.17 5.41 18.22
N GLU C 144 -13.12 4.58 18.41
CA GLU C 144 -12.18 4.24 17.35
C GLU C 144 -12.87 3.33 16.34
N GLN C 145 -13.57 2.30 16.87
CA GLN C 145 -14.34 1.30 16.13
C GLN C 145 -15.43 1.93 15.26
N THR C 146 -16.29 2.78 15.88
CA THR C 146 -17.39 3.47 15.22
C THR C 146 -16.90 4.37 14.09
N GLY C 147 -15.77 5.05 14.33
CA GLY C 147 -15.14 5.91 13.34
C GLY C 147 -14.66 5.15 12.12
N ARG C 148 -14.09 3.96 12.35
CA ARG C 148 -13.58 3.10 11.26
C ARG C 148 -14.71 2.46 10.46
N ALA C 149 -15.84 2.11 11.13
CA ALA C 149 -17.02 1.51 10.50
C ALA C 149 -17.72 2.54 9.62
N LEU C 150 -17.92 3.77 10.15
CA LEU C 150 -18.53 4.88 9.43
C LEU C 150 -17.69 5.34 8.25
N GLN C 151 -16.35 5.24 8.36
CA GLN C 151 -15.45 5.63 7.27
C GLN C 151 -15.75 4.86 5.97
N ILE C 152 -16.23 3.60 6.08
CA ILE C 152 -16.59 2.74 4.93
C ILE C 152 -17.73 3.43 4.16
N ALA C 153 -18.70 4.02 4.90
CA ALA C 153 -19.82 4.77 4.34
C ALA C 153 -19.33 6.04 3.67
N HIS C 154 -18.52 6.84 4.37
CA HIS C 154 -17.97 8.11 3.88
C HIS C 154 -17.12 7.95 2.60
N ALA C 155 -16.30 6.89 2.55
CA ALA C 155 -15.44 6.58 1.40
C ALA C 155 -16.29 6.20 0.19
N ALA C 156 -17.45 5.55 0.45
CA ALA C 156 -18.42 5.15 -0.57
C ALA C 156 -19.17 6.38 -1.13
N GLY C 157 -19.18 7.45 -0.35
CA GLY C 157 -19.85 8.70 -0.71
C GLY C 157 -21.16 8.82 0.00
N LEU C 158 -21.27 8.20 1.20
CA LEU C 158 -22.46 8.18 2.04
C LEU C 158 -22.27 8.87 3.37
N VAL C 159 -23.38 9.38 3.94
CA VAL C 159 -23.44 10.07 5.22
C VAL C 159 -24.57 9.39 6.01
N HIS C 160 -24.26 8.76 7.15
CA HIS C 160 -25.23 8.06 8.01
C HIS C 160 -26.42 8.95 8.39
N ARG C 161 -26.12 10.18 8.85
CA ARG C 161 -27.04 11.25 9.26
C ARG C 161 -27.79 11.00 10.60
N ASP C 162 -27.65 9.80 11.23
CA ASP C 162 -28.31 9.54 12.51
C ASP C 162 -27.45 8.65 13.46
N VAL C 163 -26.20 9.08 13.70
CA VAL C 163 -25.26 8.41 14.61
C VAL C 163 -25.72 8.68 16.06
N LYS C 164 -26.29 7.66 16.73
CA LYS C 164 -26.81 7.74 18.10
C LYS C 164 -26.67 6.39 18.88
N PRO C 165 -26.70 6.38 20.24
CA PRO C 165 -26.54 5.13 21.00
C PRO C 165 -27.47 3.97 20.64
N GLY C 166 -28.69 4.29 20.21
CA GLY C 166 -29.66 3.29 19.77
C GLY C 166 -29.25 2.59 18.50
N ASN C 167 -28.36 3.22 17.74
CA ASN C 167 -27.90 2.65 16.47
C ASN C 167 -26.53 2.04 16.54
N ILE C 168 -25.92 2.09 17.71
CA ILE C 168 -24.60 1.50 17.95
C ILE C 168 -24.79 0.27 18.84
N LEU C 169 -24.59 -0.93 18.26
CA LEU C 169 -24.72 -2.20 18.98
C LEU C 169 -23.38 -2.62 19.58
N ILE C 170 -23.41 -3.08 20.83
CA ILE C 170 -22.23 -3.52 21.57
C ILE C 170 -22.36 -5.02 21.85
N THR C 171 -21.43 -5.82 21.31
CA THR C 171 -21.40 -7.29 21.47
C THR C 171 -20.71 -7.69 22.79
N PRO C 172 -20.91 -8.95 23.31
CA PRO C 172 -20.20 -9.34 24.56
C PRO C 172 -18.69 -9.35 24.41
N THR C 173 -18.19 -9.64 23.18
CA THR C 173 -16.78 -9.66 22.79
C THR C 173 -16.15 -8.25 22.81
N GLY C 174 -16.99 -7.21 22.83
CA GLY C 174 -16.58 -5.81 22.85
C GLY C 174 -16.36 -5.25 21.47
N GLN C 175 -17.19 -5.68 20.50
CA GLN C 175 -17.11 -5.26 19.10
C GLN C 175 -18.37 -4.47 18.71
N VAL C 176 -18.17 -3.32 18.06
CA VAL C 176 -19.22 -2.39 17.61
C VAL C 176 -19.87 -2.83 16.30
N LYS C 177 -21.22 -2.71 16.21
CA LYS C 177 -22.03 -3.02 15.04
C LYS C 177 -22.95 -1.81 14.78
N ILE C 178 -22.79 -1.15 13.62
CA ILE C 178 -23.59 0.03 13.22
C ILE C 178 -24.91 -0.38 12.55
N THR C 179 -26.05 0.18 13.02
CA THR C 179 -27.38 -0.14 12.47
C THR C 179 -28.19 1.14 12.05
N ASP C 180 -29.29 0.92 11.27
CA ASP C 180 -30.29 1.88 10.75
C ASP C 180 -29.73 3.03 9.89
N PHE C 181 -29.64 2.79 8.57
CA PHE C 181 -29.22 3.78 7.56
C PHE C 181 -30.47 4.34 6.87
N GLY C 182 -31.60 4.36 7.59
CA GLY C 182 -32.91 4.80 7.13
C GLY C 182 -33.01 6.21 6.55
N ILE C 183 -32.17 7.14 7.04
CA ILE C 183 -32.15 8.53 6.58
C ILE C 183 -30.78 8.94 5.99
N ALA C 184 -29.96 7.96 5.56
CA ALA C 184 -28.63 8.20 4.97
C ALA C 184 -28.74 8.90 3.61
N LYS C 185 -27.78 9.79 3.29
CA LYS C 185 -27.73 10.54 2.03
C LYS C 185 -26.31 10.63 1.45
N ALA C 186 -26.16 11.08 0.19
CA ALA C 186 -24.86 11.18 -0.48
C ALA C 186 -24.24 12.59 -0.48
N VAL C 187 -25.01 13.63 -0.89
CA VAL C 187 -24.61 15.04 -0.99
C VAL C 187 -23.97 15.56 0.30
N GLY C 200 -34.34 12.44 20.41
CA GLY C 200 -33.79 11.26 19.75
C GLY C 200 -32.72 11.62 18.74
N THR C 201 -33.11 12.38 17.71
CA THR C 201 -32.22 12.85 16.64
C THR C 201 -31.62 14.21 17.05
N ALA C 202 -32.45 15.07 17.69
CA ALA C 202 -32.10 16.41 18.15
C ALA C 202 -30.93 16.45 19.14
N GLN C 203 -30.87 15.46 20.05
CA GLN C 203 -29.84 15.32 21.08
C GLN C 203 -28.42 15.17 20.49
N TYR C 204 -28.29 14.57 19.28
CA TYR C 204 -27.01 14.29 18.62
C TYR C 204 -26.82 15.01 17.28
N ILE C 205 -27.82 15.77 16.80
CA ILE C 205 -27.79 16.46 15.49
C ILE C 205 -26.62 17.48 15.40
N ALA C 206 -25.99 17.55 14.21
CA ALA C 206 -24.89 18.47 13.94
C ALA C 206 -25.43 19.89 13.69
N PRO C 207 -24.65 20.98 13.91
CA PRO C 207 -25.21 22.33 13.68
C PRO C 207 -25.76 22.54 12.26
N GLU C 208 -24.95 22.29 11.22
CA GLU C 208 -25.32 22.44 9.81
C GLU C 208 -26.45 21.49 9.39
N GLN C 209 -26.62 20.38 10.12
CA GLN C 209 -27.69 19.41 9.87
C GLN C 209 -29.02 19.99 10.34
N ALA C 210 -29.04 20.60 11.54
CA ALA C 210 -30.22 21.22 12.15
C ALA C 210 -30.58 22.51 11.40
N LEU C 211 -29.57 23.27 10.94
CA LEU C 211 -29.73 24.52 10.18
C LEU C 211 -30.35 24.29 8.80
N GLY C 212 -29.98 23.19 8.14
CA GLY C 212 -30.50 22.80 6.84
C GLY C 212 -29.52 22.66 5.70
N HIS C 213 -28.20 22.65 6.00
CA HIS C 213 -27.14 22.51 4.99
C HIS C 213 -27.09 21.07 4.48
N ASP C 214 -26.44 20.85 3.31
CA ASP C 214 -26.28 19.52 2.73
C ASP C 214 -25.32 18.73 3.61
N ALA C 215 -25.84 17.70 4.32
CA ALA C 215 -25.08 16.86 5.25
C ALA C 215 -23.85 16.22 4.62
N SER C 216 -22.71 16.41 5.31
CA SER C 216 -21.37 15.94 4.94
C SER C 216 -20.89 14.85 5.93
N PRO C 217 -19.83 14.06 5.65
CA PRO C 217 -19.37 13.07 6.63
C PRO C 217 -18.99 13.71 7.96
N ALA C 218 -18.53 14.98 7.90
CA ALA C 218 -18.15 15.81 9.05
C ALA C 218 -19.25 15.88 10.12
N SER C 219 -20.52 15.74 9.72
CA SER C 219 -21.71 15.76 10.58
C SER C 219 -21.84 14.50 11.44
N ASP C 220 -21.40 13.33 10.91
CA ASP C 220 -21.44 12.05 11.63
C ASP C 220 -20.31 12.03 12.67
N VAL C 221 -19.20 12.71 12.35
CA VAL C 221 -18.02 12.91 13.20
C VAL C 221 -18.43 13.76 14.41
N TYR C 222 -19.30 14.79 14.19
CA TYR C 222 -19.84 15.64 15.24
C TYR C 222 -20.76 14.78 16.10
N SER C 223 -21.71 14.07 15.47
CA SER C 223 -22.67 13.21 16.15
C SER C 223 -21.96 12.12 16.98
N LEU C 224 -20.77 11.68 16.54
CA LEU C 224 -19.98 10.70 17.25
C LEU C 224 -19.31 11.32 18.49
N GLY C 225 -18.96 12.60 18.39
CA GLY C 225 -18.39 13.39 19.48
C GLY C 225 -19.39 13.58 20.60
N VAL C 226 -20.68 13.81 20.26
CA VAL C 226 -21.81 13.97 21.20
C VAL C 226 -21.99 12.66 22.00
N VAL C 227 -21.94 11.51 21.28
CA VAL C 227 -22.07 10.15 21.84
C VAL C 227 -20.85 9.91 22.75
N GLY C 228 -19.69 10.43 22.32
CA GLY C 228 -18.43 10.38 23.04
C GLY C 228 -18.51 11.10 24.37
N TYR C 229 -19.02 12.36 24.33
CA TYR C 229 -19.24 13.22 25.49
C TYR C 229 -20.12 12.50 26.52
N GLU C 230 -21.25 11.91 26.07
CA GLU C 230 -22.21 11.19 26.91
C GLU C 230 -21.62 9.91 27.54
N ALA C 231 -20.67 9.26 26.86
CA ALA C 231 -20.04 8.02 27.33
C ALA C 231 -18.91 8.27 28.32
N VAL C 232 -18.09 9.31 28.07
CA VAL C 232 -16.96 9.66 28.94
C VAL C 232 -17.46 10.30 30.26
N SER C 233 -18.25 11.39 30.17
CA SER C 233 -18.79 12.15 31.30
C SER C 233 -20.02 11.54 31.98
N GLY C 234 -20.92 10.94 31.18
CA GLY C 234 -22.14 10.32 31.67
C GLY C 234 -23.38 11.17 31.49
N LYS C 235 -23.24 12.28 30.74
CA LYS C 235 -24.32 13.23 30.46
C LYS C 235 -24.15 13.81 29.05
N ARG C 236 -25.27 14.09 28.36
CA ARG C 236 -25.24 14.71 27.03
C ARG C 236 -24.86 16.20 27.22
N PRO C 237 -24.07 16.82 26.31
CA PRO C 237 -23.69 18.24 26.52
C PRO C 237 -24.87 19.20 26.58
N PHE C 238 -25.88 18.99 25.71
CA PHE C 238 -27.06 19.84 25.63
C PHE C 238 -28.33 19.08 25.98
N ALA C 239 -29.26 19.75 26.70
CA ALA C 239 -30.51 19.15 27.13
C ALA C 239 -31.68 20.17 27.17
N GLY C 240 -32.77 19.79 27.84
CA GLY C 240 -33.97 20.59 27.98
C GLY C 240 -35.15 19.95 27.29
N ASP C 241 -36.30 19.87 27.98
CA ASP C 241 -37.55 19.29 27.48
C ASP C 241 -37.87 19.87 26.11
N GLY C 242 -38.06 19.01 25.11
CA GLY C 242 -38.37 19.44 23.75
C GLY C 242 -37.16 19.44 22.84
N ALA C 243 -37.36 18.97 21.61
CA ALA C 243 -36.31 18.80 20.59
C ALA C 243 -35.75 20.09 19.98
N LEU C 244 -36.57 21.16 19.91
CA LEU C 244 -36.19 22.41 19.26
C LEU C 244 -35.13 23.23 20.03
N TPO C 245 -35.15 23.21 21.38
CA TPO C 245 -34.17 23.93 22.20
CB TPO C 245 -34.62 24.26 23.62
CG2 TPO C 245 -33.82 25.44 24.23
OG1 TPO C 245 -35.98 24.72 23.54
P TPO C 245 -36.93 23.82 24.30
O1P TPO C 245 -38.33 24.30 24.05
O2P TPO C 245 -36.70 23.87 25.82
O3P TPO C 245 -36.83 22.40 23.80
C TPO C 245 -32.82 23.22 22.19
O TPO C 245 -31.79 23.89 22.15
N VAL C 246 -32.85 21.87 22.21
CA VAL C 246 -31.65 21.04 22.16
C VAL C 246 -30.96 21.24 20.79
N ALA C 247 -31.78 21.33 19.72
CA ALA C 247 -31.31 21.61 18.36
C ALA C 247 -30.62 22.98 18.27
N MET C 248 -31.25 24.02 18.87
CA MET C 248 -30.72 25.39 18.92
C MET C 248 -29.42 25.46 19.71
N LYS C 249 -29.33 24.69 20.82
CA LYS C 249 -28.15 24.60 21.67
C LYS C 249 -26.94 24.16 20.85
N HIS C 250 -27.12 23.12 19.98
CA HIS C 250 -26.08 22.63 19.06
C HIS C 250 -25.65 23.73 18.09
N ILE C 251 -26.58 24.63 17.68
CA ILE C 251 -26.29 25.73 16.75
C ILE C 251 -25.56 26.90 17.45
N LYS C 252 -26.14 27.44 18.54
CA LYS C 252 -25.63 28.61 19.27
C LYS C 252 -24.70 28.34 20.47
N GLU C 253 -25.18 27.62 21.52
CA GLU C 253 -24.46 27.41 22.78
C GLU C 253 -23.22 26.49 22.70
N PRO C 254 -22.08 26.89 23.32
CA PRO C 254 -20.89 26.01 23.29
C PRO C 254 -21.01 24.84 24.27
N PRO C 255 -20.35 23.68 24.06
CA PRO C 255 -20.52 22.56 25.01
C PRO C 255 -19.94 22.84 26.40
N PRO C 256 -20.71 22.59 27.48
CA PRO C 256 -20.20 22.83 28.85
C PRO C 256 -18.90 22.08 29.16
N PRO C 257 -18.04 22.59 30.07
CA PRO C 257 -16.76 21.90 30.34
C PRO C 257 -16.90 20.52 30.97
N LEU C 258 -16.13 19.56 30.44
CA LEU C 258 -16.08 18.16 30.88
C LEU C 258 -15.50 18.03 32.30
N PRO C 259 -15.83 16.96 33.08
CA PRO C 259 -15.29 16.83 34.45
C PRO C 259 -13.76 16.88 34.53
N PRO C 260 -13.19 17.51 35.59
CA PRO C 260 -11.72 17.63 35.69
C PRO C 260 -10.95 16.31 35.83
N ASP C 261 -11.65 15.22 36.23
CA ASP C 261 -11.11 13.86 36.41
C ASP C 261 -10.58 13.25 35.09
N LEU C 262 -11.05 13.77 33.95
CA LEU C 262 -10.69 13.32 32.62
C LEU C 262 -9.33 13.88 32.17
N PRO C 263 -8.51 13.10 31.40
CA PRO C 263 -7.21 13.62 30.93
C PRO C 263 -7.34 14.82 29.98
N PRO C 264 -6.28 15.66 29.81
CA PRO C 264 -6.40 16.81 28.90
C PRO C 264 -6.41 16.43 27.41
N ASN C 265 -6.04 15.18 27.10
CA ASN C 265 -5.97 14.60 25.74
C ASN C 265 -7.35 14.14 25.28
N VAL C 266 -8.13 13.52 26.20
CA VAL C 266 -9.50 13.02 25.97
C VAL C 266 -10.44 14.21 25.76
N ARG C 267 -10.42 15.17 26.70
CA ARG C 267 -11.22 16.40 26.68
C ARG C 267 -11.01 17.20 25.40
N GLU C 268 -9.75 17.34 24.94
CA GLU C 268 -9.37 18.05 23.72
C GLU C 268 -10.06 17.42 22.50
N LEU C 269 -9.97 16.07 22.38
CA LEU C 269 -10.58 15.28 21.31
C LEU C 269 -12.09 15.56 21.21
N ILE C 270 -12.83 15.43 22.34
CA ILE C 270 -14.27 15.71 22.38
C ILE C 270 -14.55 17.18 21.99
N GLU C 271 -13.69 18.12 22.44
CA GLU C 271 -13.80 19.55 22.16
C GLU C 271 -13.54 19.92 20.70
N ILE C 272 -12.66 19.15 20.00
CA ILE C 272 -12.33 19.36 18.59
C ILE C 272 -13.52 18.92 17.69
N THR C 273 -14.08 17.73 17.99
CA THR C 273 -15.18 17.15 17.21
C THR C 273 -16.51 17.85 17.45
N LEU C 274 -16.62 18.67 18.52
CA LEU C 274 -17.85 19.40 18.81
C LEU C 274 -17.83 20.88 18.33
N VAL C 275 -16.86 21.23 17.44
CA VAL C 275 -16.80 22.58 16.85
C VAL C 275 -18.00 22.74 15.92
N LYS C 276 -18.58 23.94 15.88
CA LYS C 276 -19.76 24.21 15.07
C LYS C 276 -19.47 24.15 13.58
N ASN C 277 -18.31 24.70 13.15
CA ASN C 277 -17.86 24.72 11.75
C ASN C 277 -17.49 23.32 11.27
N PRO C 278 -18.13 22.79 10.19
CA PRO C 278 -17.77 21.44 9.71
C PRO C 278 -16.34 21.40 9.15
N ALA C 279 -15.87 22.53 8.58
CA ALA C 279 -14.54 22.69 8.00
C ALA C 279 -13.43 22.70 9.06
N MET C 280 -13.81 22.80 10.36
CA MET C 280 -12.86 22.84 11.46
C MET C 280 -12.73 21.51 12.22
N ARG C 281 -13.66 20.54 12.01
CA ARG C 281 -13.56 19.22 12.64
C ARG C 281 -13.01 18.18 11.68
N TYR C 282 -12.84 16.92 12.16
CA TYR C 282 -12.32 15.81 11.36
C TYR C 282 -13.25 15.46 10.20
N ARG C 283 -12.81 15.76 8.97
CA ARG C 283 -13.54 15.55 7.72
C ARG C 283 -13.54 14.08 7.29
N SER C 284 -14.42 13.27 7.92
CA SER C 284 -14.67 11.81 7.74
C SER C 284 -14.38 11.02 9.01
N GLY C 285 -14.96 9.83 9.10
CA GLY C 285 -14.80 8.93 10.24
C GLY C 285 -13.41 8.36 10.40
N GLY C 286 -12.69 8.23 9.29
CA GLY C 286 -11.32 7.74 9.23
C GLY C 286 -10.39 8.63 10.00
N PRO C 287 -10.19 9.91 9.56
CA PRO C 287 -9.32 10.83 10.32
C PRO C 287 -9.73 11.09 11.77
N PHE C 288 -10.99 10.81 12.15
CA PHE C 288 -11.46 10.93 13.53
C PHE C 288 -10.95 9.75 14.35
N ALA C 289 -11.07 8.52 13.79
CA ALA C 289 -10.62 7.27 14.39
C ALA C 289 -9.12 7.30 14.64
N ASP C 290 -8.33 7.86 13.69
CA ASP C 290 -6.87 8.02 13.79
C ASP C 290 -6.51 8.90 15.00
N ALA C 291 -7.27 10.00 15.18
CA ALA C 291 -7.12 10.95 16.27
C ALA C 291 -7.40 10.28 17.61
N VAL C 292 -8.46 9.43 17.66
CA VAL C 292 -8.86 8.63 18.83
C VAL C 292 -7.76 7.61 19.21
N ALA C 293 -7.12 6.99 18.19
CA ALA C 293 -6.04 6.02 18.37
C ALA C 293 -4.80 6.65 19.01
N ALA C 294 -4.54 7.95 18.71
CA ALA C 294 -3.42 8.72 19.26
C ALA C 294 -3.65 9.06 20.74
N VAL C 295 -4.90 9.40 21.11
CA VAL C 295 -5.32 9.71 22.49
C VAL C 295 -5.22 8.43 23.35
N ARG C 296 -5.71 7.29 22.81
CA ARG C 296 -5.69 5.96 23.42
C ARG C 296 -4.25 5.50 23.71
N ALA C 297 -3.29 5.95 22.89
CA ALA C 297 -1.85 5.66 23.02
C ALA C 297 -1.20 6.45 24.15
N GLY C 298 -1.70 7.67 24.40
CA GLY C 298 -1.19 8.57 25.42
C GLY C 298 -0.66 9.88 24.87
N ARG C 299 -0.99 10.18 23.60
CA ARG C 299 -0.59 11.40 22.90
C ARG C 299 -1.77 12.38 22.79
N ARG C 300 -1.51 13.59 22.27
CA ARG C 300 -2.52 14.62 22.07
C ARG C 300 -3.20 14.41 20.71
N PRO C 301 -4.51 14.74 20.55
CA PRO C 301 -5.16 14.55 19.22
C PRO C 301 -4.64 15.56 18.19
N PRO C 302 -4.34 15.12 16.94
CA PRO C 302 -3.80 16.06 15.95
C PRO C 302 -4.81 17.04 15.34
N ARG C 303 -4.28 18.09 14.68
CA ARG C 303 -5.02 19.17 14.02
C ARG C 303 -5.55 18.73 12.63
N PRO C 304 -6.86 18.96 12.31
CA PRO C 304 -7.36 18.56 10.99
C PRO C 304 -6.88 19.51 9.90
N SER C 305 -6.27 18.96 8.83
CA SER C 305 -5.73 19.71 7.69
C SER C 305 -6.85 20.25 6.80
N PRO D 24 43.04 -5.02 -9.54
CA PRO D 24 43.08 -5.24 -11.00
C PRO D 24 43.73 -4.08 -11.76
N ARG D 25 43.82 -4.20 -13.10
CA ARG D 25 44.41 -3.18 -13.97
C ARG D 25 43.38 -2.62 -14.97
N VAL D 26 43.80 -1.80 -15.96
CA VAL D 26 42.97 -1.11 -16.94
C VAL D 26 42.15 -2.07 -17.86
N GLY D 27 42.81 -2.92 -18.66
CA GLY D 27 42.12 -3.81 -19.60
C GLY D 27 41.23 -4.92 -19.09
N VAL D 28 41.10 -5.06 -17.75
CA VAL D 28 40.32 -6.11 -17.08
C VAL D 28 38.81 -5.99 -17.35
N THR D 29 38.21 -7.06 -17.92
CA THR D 29 36.79 -7.17 -18.22
C THR D 29 36.16 -8.14 -17.22
N LEU D 30 35.53 -7.58 -16.17
CA LEU D 30 34.89 -8.33 -15.08
C LEU D 30 33.65 -9.06 -15.58
N SER D 31 33.63 -10.41 -15.37
CA SER D 31 32.57 -11.35 -15.78
C SER D 31 32.21 -11.28 -17.27
N GLY D 32 33.17 -10.83 -18.08
CA GLY D 32 33.00 -10.66 -19.52
C GLY D 32 31.96 -9.61 -19.86
N ARG D 33 31.93 -8.50 -19.10
CA ARG D 33 30.94 -7.43 -19.27
C ARG D 33 31.48 -6.08 -18.88
N TYR D 34 32.09 -5.98 -17.69
CA TYR D 34 32.57 -4.69 -17.21
C TYR D 34 34.05 -4.47 -17.44
N ARG D 35 34.38 -3.83 -18.57
N ARG D 35 34.40 -3.85 -18.59
CA ARG D 35 35.76 -3.50 -18.95
CA ARG D 35 35.78 -3.53 -18.92
C ARG D 35 36.15 -2.21 -18.22
C ARG D 35 36.15 -2.22 -18.22
N LEU D 36 37.16 -2.30 -17.32
CA LEU D 36 37.65 -1.14 -16.55
C LEU D 36 38.37 -0.15 -17.49
N GLN D 37 38.46 1.13 -17.11
CA GLN D 37 39.10 2.14 -17.95
C GLN D 37 40.08 3.00 -17.17
N ARG D 38 39.58 3.81 -16.21
CA ARG D 38 40.39 4.69 -15.37
C ARG D 38 40.13 4.37 -13.90
N LEU D 39 41.15 4.52 -13.04
CA LEU D 39 40.98 4.31 -11.62
C LEU D 39 40.61 5.68 -11.03
N ILE D 40 39.34 5.82 -10.60
CA ILE D 40 38.84 7.07 -10.03
C ILE D 40 39.44 7.36 -8.65
N ALA D 41 39.27 6.45 -7.70
CA ALA D 41 39.76 6.59 -6.33
C ALA D 41 40.11 5.25 -5.68
N THR D 42 40.71 5.32 -4.48
CA THR D 42 41.10 4.18 -3.66
C THR D 42 40.54 4.47 -2.25
N GLY D 43 39.38 3.88 -1.96
CA GLY D 43 38.66 4.06 -0.71
C GLY D 43 39.17 3.23 0.45
N GLY D 44 38.27 3.00 1.42
CA GLY D 44 38.55 2.25 2.65
C GLY D 44 39.07 0.85 2.41
N MET D 45 38.29 0.02 1.72
CA MET D 45 38.65 -1.37 1.42
C MET D 45 38.67 -1.68 -0.08
N GLY D 46 38.03 -0.83 -0.88
CA GLY D 46 37.93 -1.03 -2.32
C GLY D 46 38.38 0.14 -3.17
N GLN D 47 38.64 -0.15 -4.46
CA GLN D 47 39.06 0.81 -5.49
C GLN D 47 37.86 1.19 -6.34
N VAL D 48 37.66 2.50 -6.57
CA VAL D 48 36.57 3.01 -7.42
C VAL D 48 37.12 3.16 -8.85
N TRP D 49 36.46 2.53 -9.83
CA TRP D 49 36.87 2.51 -11.23
C TRP D 49 35.84 3.05 -12.21
N GLU D 50 36.32 3.77 -13.23
CA GLU D 50 35.55 4.27 -14.36
C GLU D 50 35.51 3.04 -15.28
N ALA D 51 34.32 2.58 -15.70
CA ALA D 51 34.20 1.38 -16.52
C ALA D 51 33.03 1.43 -17.50
N VAL D 52 32.95 0.41 -18.38
CA VAL D 52 31.93 0.26 -19.43
C VAL D 52 31.16 -1.06 -19.25
N ASP D 53 29.82 -0.99 -19.41
CA ASP D 53 28.95 -2.16 -19.40
C ASP D 53 28.86 -2.57 -20.88
N ASN D 54 29.37 -3.75 -21.26
CA ASN D 54 29.36 -4.18 -22.67
C ASN D 54 27.96 -4.54 -23.17
N ARG D 55 27.05 -4.94 -22.25
CA ARG D 55 25.68 -5.27 -22.64
C ARG D 55 24.88 -4.01 -22.95
N LEU D 56 24.85 -3.04 -22.00
CA LEU D 56 24.10 -1.79 -22.11
C LEU D 56 24.84 -0.64 -22.83
N GLY D 57 26.15 -0.79 -23.00
CA GLY D 57 27.00 0.19 -23.67
C GLY D 57 27.09 1.52 -22.97
N ARG D 58 27.02 1.51 -21.62
CA ARG D 58 27.08 2.72 -20.81
C ARG D 58 28.26 2.75 -19.88
N ARG D 59 28.72 3.97 -19.55
CA ARG D 59 29.80 4.21 -18.61
C ARG D 59 29.23 4.09 -17.20
N VAL D 60 29.88 3.28 -16.35
CA VAL D 60 29.50 3.05 -14.95
C VAL D 60 30.71 3.13 -14.01
N ALA D 61 30.46 3.24 -12.70
CA ALA D 61 31.50 3.24 -11.66
C ALA D 61 31.53 1.82 -11.06
N VAL D 62 32.73 1.26 -10.85
CA VAL D 62 32.85 -0.09 -10.31
C VAL D 62 33.75 -0.06 -9.07
N LYS D 63 33.24 -0.56 -7.95
CA LYS D 63 34.00 -0.65 -6.70
C LYS D 63 34.52 -2.09 -6.60
N VAL D 64 35.85 -2.27 -6.67
CA VAL D 64 36.46 -3.62 -6.58
C VAL D 64 37.28 -3.75 -5.30
N LEU D 65 37.25 -4.92 -4.65
CA LEU D 65 38.02 -5.14 -3.42
C LEU D 65 39.50 -5.24 -3.73
N LYS D 66 40.34 -4.58 -2.89
CA LYS D 66 41.80 -4.56 -3.00
C LYS D 66 42.33 -6.00 -2.96
N SER D 67 43.33 -6.31 -3.82
CA SER D 67 43.98 -7.61 -4.02
C SER D 67 44.11 -8.49 -2.75
N GLU D 68 44.52 -7.89 -1.62
CA GLU D 68 44.69 -8.59 -0.34
C GLU D 68 43.37 -8.88 0.40
N PHE D 69 42.38 -7.97 0.30
CA PHE D 69 41.08 -8.13 0.96
C PHE D 69 40.16 -9.10 0.23
N SER D 70 40.38 -9.27 -1.10
CA SER D 70 39.61 -10.18 -1.97
C SER D 70 39.81 -11.66 -1.62
N SER D 71 40.86 -11.96 -0.83
CA SER D 71 41.21 -13.31 -0.37
C SER D 71 40.54 -13.65 0.97
N ASP D 72 40.30 -12.62 1.82
CA ASP D 72 39.69 -12.75 3.16
C ASP D 72 38.16 -12.78 3.14
N PRO D 73 37.50 -13.77 3.79
CA PRO D 73 36.02 -13.81 3.79
C PRO D 73 35.34 -12.79 4.71
N GLU D 74 36.08 -12.19 5.67
CA GLU D 74 35.53 -11.16 6.55
C GLU D 74 35.36 -9.86 5.74
N PHE D 75 36.29 -9.62 4.78
CA PHE D 75 36.27 -8.45 3.88
C PHE D 75 35.30 -8.64 2.71
N ILE D 76 34.96 -9.90 2.36
CA ILE D 76 34.00 -10.21 1.30
C ILE D 76 32.58 -10.02 1.84
N GLU D 77 32.30 -10.56 3.05
CA GLU D 77 30.99 -10.44 3.68
C GLU D 77 30.69 -9.01 4.18
N ARG D 78 31.73 -8.16 4.28
CA ARG D 78 31.58 -6.75 4.67
C ARG D 78 31.23 -5.95 3.40
N PHE D 79 31.76 -6.40 2.25
CA PHE D 79 31.58 -5.80 0.93
C PHE D 79 30.25 -6.23 0.31
N ARG D 80 29.78 -7.46 0.63
CA ARG D 80 28.48 -8.00 0.20
C ARG D 80 27.36 -7.23 0.90
N ALA D 81 27.62 -6.79 2.14
CA ALA D 81 26.72 -6.02 2.98
C ALA D 81 26.50 -4.63 2.38
N GLU D 82 27.59 -3.97 1.90
CA GLU D 82 27.54 -2.65 1.27
C GLU D 82 26.63 -2.66 0.05
N ALA D 83 26.73 -3.74 -0.77
CA ALA D 83 25.94 -3.95 -1.97
C ALA D 83 24.45 -3.97 -1.67
N ARG D 84 24.02 -4.90 -0.78
CA ARG D 84 22.64 -5.09 -0.33
C ARG D 84 22.06 -3.87 0.41
N THR D 85 22.90 -3.12 1.14
CA THR D 85 22.48 -1.93 1.89
C THR D 85 22.12 -0.78 0.93
N THR D 86 23.08 -0.40 0.06
CA THR D 86 22.95 0.69 -0.92
C THR D 86 21.81 0.42 -1.90
N ALA D 87 21.64 -0.84 -2.36
CA ALA D 87 20.57 -1.27 -3.26
C ALA D 87 19.16 -1.09 -2.68
N MET D 88 19.03 -0.96 -1.35
CA MET D 88 17.75 -0.73 -0.67
C MET D 88 17.34 0.74 -0.83
N LEU D 89 18.31 1.62 -1.11
CA LEU D 89 18.07 3.07 -1.22
C LEU D 89 17.86 3.59 -2.65
N ASN D 90 16.83 4.43 -2.81
CA ASN D 90 16.49 5.07 -4.06
C ASN D 90 16.24 6.55 -3.82
N HIS D 91 17.25 7.37 -4.15
CA HIS D 91 17.22 8.82 -4.03
C HIS D 91 18.30 9.42 -4.93
N PRO D 92 18.01 10.54 -5.65
CA PRO D 92 19.04 11.16 -6.50
C PRO D 92 20.26 11.72 -5.74
N GLY D 93 20.19 11.69 -4.40
CA GLY D 93 21.27 12.15 -3.54
C GLY D 93 22.09 11.00 -2.99
N ILE D 94 21.85 9.78 -3.50
CA ILE D 94 22.56 8.58 -3.07
C ILE D 94 23.06 7.88 -4.33
N ALA D 95 24.40 7.78 -4.51
CA ALA D 95 25.00 7.08 -5.65
C ALA D 95 24.33 5.70 -5.73
N SER D 96 23.58 5.45 -6.81
CA SER D 96 22.79 4.24 -7.04
C SER D 96 23.61 3.00 -7.36
N VAL D 97 23.08 1.81 -6.99
CA VAL D 97 23.69 0.51 -7.23
C VAL D 97 22.93 -0.17 -8.37
N HIS D 98 23.65 -0.73 -9.34
CA HIS D 98 23.02 -1.45 -10.46
C HIS D 98 23.25 -2.96 -10.37
N ASP D 99 24.47 -3.37 -9.99
CA ASP D 99 24.86 -4.78 -9.95
C ASP D 99 25.95 -5.08 -8.90
N TYR D 100 26.13 -6.38 -8.59
CA TYR D 100 27.15 -6.93 -7.70
C TYR D 100 27.53 -8.31 -8.23
N GLY D 101 28.82 -8.53 -8.44
CA GLY D 101 29.33 -9.81 -8.94
C GLY D 101 30.62 -10.24 -8.27
N GLU D 102 31.21 -11.32 -8.81
CA GLU D 102 32.48 -11.95 -8.41
C GLU D 102 33.07 -12.62 -9.65
N SER D 103 34.29 -12.20 -10.06
CA SER D 103 34.93 -12.74 -11.26
C SER D 103 36.15 -13.61 -10.96
N ARG D 110 38.82 -15.03 -7.49
CA ARG D 110 37.65 -14.20 -7.73
C ARG D 110 37.77 -12.80 -7.15
N THR D 111 37.32 -11.79 -7.93
CA THR D 111 37.33 -10.38 -7.55
C THR D 111 35.91 -9.93 -7.32
N ALA D 112 35.57 -9.57 -6.07
CA ALA D 112 34.24 -9.09 -5.74
C ALA D 112 34.12 -7.62 -6.16
N TYR D 113 33.09 -7.31 -6.97
CA TYR D 113 32.82 -5.96 -7.47
C TYR D 113 31.38 -5.52 -7.28
N LEU D 114 31.18 -4.21 -7.15
CA LEU D 114 29.91 -3.52 -6.95
C LEU D 114 29.80 -2.46 -8.06
N VAL D 115 28.85 -2.65 -8.99
CA VAL D 115 28.56 -1.78 -10.15
C VAL D 115 27.56 -0.68 -9.74
N MET D 116 27.96 0.57 -9.94
CA MET D 116 27.17 1.71 -9.53
C MET D 116 27.05 2.80 -10.58
N GLU D 117 26.13 3.75 -10.33
CA GLU D 117 25.89 4.94 -11.13
C GLU D 117 27.20 5.72 -11.17
N LEU D 118 27.64 6.13 -12.38
CA LEU D 118 28.86 6.91 -12.54
C LEU D 118 28.49 8.38 -12.40
N VAL D 119 29.09 9.02 -11.40
CA VAL D 119 28.85 10.43 -11.04
C VAL D 119 30.02 11.29 -11.51
N ASN D 120 29.71 12.36 -12.24
CA ASN D 120 30.70 13.34 -12.68
C ASN D 120 30.73 14.37 -11.55
N GLY D 121 31.58 14.13 -10.57
CA GLY D 121 31.67 14.99 -9.40
C GLY D 121 33.00 14.91 -8.69
N GLU D 122 33.20 15.84 -7.75
CA GLU D 122 34.42 15.96 -6.95
C GLU D 122 34.03 15.83 -5.49
N PRO D 123 34.77 15.03 -4.67
CA PRO D 123 34.39 14.91 -3.26
C PRO D 123 34.55 16.23 -2.51
N LEU D 124 33.65 16.49 -1.51
CA LEU D 124 33.67 17.70 -0.68
C LEU D 124 35.03 17.83 0.05
N ASN D 125 35.80 16.74 0.07
CA ASN D 125 37.16 16.61 0.58
C ASN D 125 38.07 17.60 -0.18
N SER D 126 38.04 17.52 -1.53
CA SER D 126 38.83 18.36 -2.44
C SER D 126 38.28 19.78 -2.60
N VAL D 127 36.95 19.95 -2.45
CA VAL D 127 36.25 21.23 -2.57
C VAL D 127 36.72 22.18 -1.44
N LEU D 128 36.56 21.73 -0.18
CA LEU D 128 36.93 22.46 1.03
C LEU D 128 38.44 22.67 1.18
N LYS D 129 39.27 21.95 0.40
CA LYS D 129 40.72 22.10 0.43
C LYS D 129 41.12 23.32 -0.40
N ARG D 130 40.38 23.58 -1.51
CA ARG D 130 40.61 24.69 -2.42
C ARG D 130 39.83 25.96 -2.05
N THR D 131 38.59 25.80 -1.54
CA THR D 131 37.71 26.91 -1.17
C THR D 131 37.76 27.31 0.32
N GLY D 132 38.30 26.42 1.16
CA GLY D 132 38.38 26.62 2.60
C GLY D 132 37.04 26.35 3.27
N ARG D 133 36.05 27.20 2.93
CA ARG D 133 34.66 27.13 3.38
C ARG D 133 33.71 27.39 2.20
N LEU D 134 32.40 27.27 2.45
CA LEU D 134 31.37 27.54 1.45
C LEU D 134 30.45 28.64 1.95
N SER D 135 29.81 29.39 1.01
CA SER D 135 28.89 30.47 1.36
C SER D 135 27.63 29.90 2.04
N LEU D 136 26.99 30.71 2.92
CA LEU D 136 25.79 30.32 3.69
C LEU D 136 24.70 29.65 2.86
N ARG D 137 24.52 30.11 1.60
CA ARG D 137 23.56 29.57 0.64
C ARG D 137 23.99 28.16 0.20
N HIS D 138 25.28 28.02 -0.20
CA HIS D 138 25.89 26.76 -0.66
C HIS D 138 25.86 25.68 0.42
N ALA D 139 26.48 25.96 1.58
CA ALA D 139 26.57 25.05 2.72
C ALA D 139 25.22 24.51 3.19
N LEU D 140 24.21 25.38 3.39
CA LEU D 140 22.87 24.98 3.82
C LEU D 140 22.08 24.25 2.74
N ASP D 141 22.40 24.46 1.44
CA ASP D 141 21.75 23.75 0.34
C ASP D 141 22.26 22.32 0.37
N MET D 142 23.61 22.18 0.43
CA MET D 142 24.30 20.90 0.48
C MET D 142 24.09 20.17 1.81
N LEU D 143 23.73 20.89 2.89
CA LEU D 143 23.44 20.22 4.15
C LEU D 143 22.06 19.55 4.09
N GLU D 144 21.02 20.30 3.64
CA GLU D 144 19.65 19.79 3.47
C GLU D 144 19.63 18.64 2.46
N GLN D 145 20.38 18.80 1.33
CA GLN D 145 20.54 17.78 0.28
C GLN D 145 20.99 16.46 0.91
N THR D 146 22.01 16.53 1.80
CA THR D 146 22.58 15.40 2.52
C THR D 146 21.60 14.81 3.56
N GLY D 147 20.80 15.67 4.22
CA GLY D 147 19.80 15.25 5.19
C GLY D 147 18.62 14.53 4.54
N ARG D 148 18.17 15.05 3.38
CA ARG D 148 17.11 14.46 2.58
C ARG D 148 17.60 13.13 1.99
N ALA D 149 18.91 13.05 1.68
CA ALA D 149 19.54 11.84 1.19
C ALA D 149 19.62 10.81 2.32
N LEU D 150 20.18 11.20 3.49
CA LEU D 150 20.33 10.32 4.66
C LEU D 150 19.00 9.83 5.28
N GLN D 151 17.90 10.61 5.16
CA GLN D 151 16.59 10.19 5.67
C GLN D 151 16.08 8.94 4.95
N ILE D 152 16.45 8.76 3.66
CA ILE D 152 16.10 7.57 2.87
C ILE D 152 16.76 6.35 3.52
N ALA D 153 18.03 6.50 3.96
CA ALA D 153 18.76 5.46 4.66
C ALA D 153 18.22 5.25 6.07
N HIS D 154 17.76 6.32 6.74
CA HIS D 154 17.24 6.27 8.11
C HIS D 154 15.87 5.59 8.24
N ALA D 155 14.96 5.86 7.29
CA ALA D 155 13.61 5.27 7.28
C ALA D 155 13.63 3.77 7.02
N ALA D 156 14.71 3.26 6.35
CA ALA D 156 14.91 1.85 6.03
C ALA D 156 15.53 1.08 7.22
N GLY D 157 15.83 1.80 8.30
CA GLY D 157 16.42 1.26 9.51
C GLY D 157 17.94 1.14 9.46
N LEU D 158 18.57 1.89 8.54
CA LEU D 158 20.02 1.88 8.32
C LEU D 158 20.74 3.11 8.88
N VAL D 159 22.03 2.93 9.22
CA VAL D 159 22.91 3.96 9.78
C VAL D 159 24.25 3.95 8.98
N HIS D 160 24.52 5.03 8.19
CA HIS D 160 25.70 5.23 7.33
C HIS D 160 27.02 4.95 8.05
N ARG D 161 27.16 5.47 9.29
CA ARG D 161 28.28 5.33 10.23
C ARG D 161 29.58 6.05 9.81
N ASP D 162 29.65 6.65 8.60
CA ASP D 162 30.88 7.32 8.14
C ASP D 162 30.62 8.60 7.32
N VAL D 163 29.80 9.52 7.84
CA VAL D 163 29.49 10.76 7.12
C VAL D 163 30.68 11.74 7.23
N LYS D 164 31.35 11.99 6.09
CA LYS D 164 32.50 12.90 6.00
C LYS D 164 32.60 13.54 4.59
N PRO D 165 33.33 14.67 4.41
CA PRO D 165 33.44 15.28 3.07
C PRO D 165 33.87 14.32 1.95
N GLY D 166 34.73 13.35 2.29
CA GLY D 166 35.22 12.32 1.37
C GLY D 166 34.17 11.36 0.82
N ASN D 167 33.06 11.26 1.53
CA ASN D 167 31.96 10.41 1.15
C ASN D 167 30.77 11.21 0.67
N ILE D 168 30.99 12.45 0.35
CA ILE D 168 29.99 13.37 -0.19
C ILE D 168 30.56 13.90 -1.51
N LEU D 169 29.97 13.49 -2.65
CA LEU D 169 30.38 13.93 -4.00
C LEU D 169 29.59 15.15 -4.42
N ILE D 170 30.27 16.08 -5.11
CA ILE D 170 29.67 17.34 -5.58
C ILE D 170 29.84 17.46 -7.10
N THR D 171 28.72 17.36 -7.83
CA THR D 171 28.71 17.50 -9.29
C THR D 171 28.79 19.01 -9.64
N PRO D 172 29.35 19.43 -10.81
CA PRO D 172 29.40 20.87 -11.14
C PRO D 172 28.06 21.61 -11.06
N THR D 173 26.94 20.90 -11.34
CA THR D 173 25.57 21.43 -11.26
C THR D 173 25.06 21.57 -9.79
N GLY D 174 25.97 21.41 -8.82
CA GLY D 174 25.67 21.54 -7.39
C GLY D 174 24.81 20.47 -6.78
N GLN D 175 24.96 19.20 -7.24
CA GLN D 175 24.20 18.07 -6.71
C GLN D 175 25.08 17.17 -5.83
N VAL D 176 24.58 16.87 -4.62
CA VAL D 176 25.23 16.02 -3.61
C VAL D 176 24.93 14.55 -3.92
N LYS D 177 25.95 13.67 -3.83
CA LYS D 177 25.79 12.23 -4.03
C LYS D 177 26.47 11.53 -2.89
N ILE D 178 25.68 10.98 -1.96
CA ILE D 178 26.17 10.24 -0.79
C ILE D 178 26.67 8.88 -1.27
N THR D 179 27.95 8.65 -1.03
CA THR D 179 28.66 7.43 -1.39
C THR D 179 29.22 6.73 -0.13
N ASP D 180 29.72 5.49 -0.30
CA ASP D 180 30.35 4.62 0.71
C ASP D 180 29.51 4.36 1.96
N PHE D 181 28.70 3.27 1.91
CA PHE D 181 27.90 2.77 3.02
C PHE D 181 28.62 1.48 3.51
N GLY D 182 29.94 1.46 3.31
CA GLY D 182 30.84 0.36 3.63
C GLY D 182 30.77 -0.20 5.04
N ILE D 183 30.58 0.69 6.04
CA ILE D 183 30.51 0.31 7.46
C ILE D 183 29.10 0.51 8.07
N ALA D 184 28.05 0.56 7.20
CA ALA D 184 26.65 0.75 7.59
C ALA D 184 26.09 -0.39 8.45
N LYS D 185 25.41 -0.04 9.56
CA LYS D 185 24.82 -1.00 10.51
C LYS D 185 23.30 -0.89 10.57
N VAL D 198 41.93 4.70 12.76
CA VAL D 198 42.21 5.67 11.68
C VAL D 198 41.59 7.04 11.97
N MET D 199 42.33 8.13 11.65
CA MET D 199 41.94 9.53 11.88
C MET D 199 40.78 10.01 10.97
N GLY D 200 40.58 9.36 9.83
CA GLY D 200 39.53 9.69 8.86
C GLY D 200 38.14 9.80 9.46
N THR D 201 37.65 8.68 10.04
CA THR D 201 36.36 8.59 10.71
C THR D 201 36.39 9.33 12.05
N ALA D 202 37.56 9.34 12.72
CA ALA D 202 37.79 9.97 14.02
C ALA D 202 37.53 11.49 14.06
N GLN D 203 37.74 12.19 12.93
CA GLN D 203 37.53 13.63 12.84
C GLN D 203 36.07 14.06 12.89
N TYR D 204 35.12 13.15 12.58
CA TYR D 204 33.67 13.41 12.55
C TYR D 204 32.85 12.34 13.30
N ILE D 205 33.53 11.48 14.10
CA ILE D 205 32.92 10.38 14.87
C ILE D 205 31.84 10.85 15.87
N ALA D 206 30.81 10.02 16.08
CA ALA D 206 29.74 10.25 17.04
C ALA D 206 30.28 9.90 18.43
N PRO D 207 29.89 10.61 19.53
CA PRO D 207 30.45 10.28 20.85
C PRO D 207 30.12 8.87 21.33
N GLU D 208 28.90 8.37 21.04
CA GLU D 208 28.46 7.01 21.41
C GLU D 208 29.24 5.92 20.66
N GLN D 209 29.59 6.18 19.38
CA GLN D 209 30.39 5.27 18.53
C GLN D 209 31.82 5.26 19.01
N ALA D 210 32.36 6.45 19.37
CA ALA D 210 33.69 6.65 19.91
C ALA D 210 33.83 5.97 21.29
N LEU D 211 32.67 5.70 21.96
CA LEU D 211 32.56 5.01 23.24
C LEU D 211 32.48 3.50 23.06
N GLY D 212 31.74 3.05 22.05
CA GLY D 212 31.55 1.64 21.73
C GLY D 212 30.17 1.32 21.19
N SER D 216 23.53 4.80 15.79
CA SER D 216 22.10 5.12 15.63
C SER D 216 21.90 6.25 14.58
N PRO D 217 20.68 6.45 13.99
CA PRO D 217 20.50 7.54 13.02
C PRO D 217 20.86 8.95 13.52
N ALA D 218 20.90 9.14 14.85
CA ALA D 218 21.27 10.40 15.49
C ALA D 218 22.78 10.65 15.30
N SER D 219 23.55 9.55 15.13
CA SER D 219 25.00 9.58 14.91
C SER D 219 25.33 10.20 13.53
N ASP D 220 24.57 9.82 12.46
CA ASP D 220 24.75 10.38 11.11
C ASP D 220 24.42 11.87 11.11
N VAL D 221 23.42 12.26 11.91
CA VAL D 221 22.99 13.64 12.14
C VAL D 221 24.16 14.41 12.76
N TYR D 222 24.75 13.84 13.86
CA TYR D 222 25.89 14.39 14.58
C TYR D 222 27.04 14.64 13.62
N SER D 223 27.48 13.60 12.87
CA SER D 223 28.60 13.63 11.91
C SER D 223 28.42 14.71 10.86
N LEU D 224 27.17 14.85 10.33
CA LEU D 224 26.79 15.86 9.34
C LEU D 224 26.88 17.28 9.92
N GLY D 225 26.71 17.39 11.24
CA GLY D 225 26.86 18.64 11.98
C GLY D 225 28.31 19.08 11.96
N VAL D 226 29.25 18.14 12.24
CA VAL D 226 30.71 18.32 12.20
C VAL D 226 31.12 18.73 10.77
N VAL D 227 30.49 18.10 9.74
CA VAL D 227 30.69 18.37 8.31
C VAL D 227 30.23 19.82 8.02
N GLY D 228 29.04 20.16 8.53
CA GLY D 228 28.45 21.49 8.42
C GLY D 228 29.34 22.56 8.99
N TYR D 229 29.86 22.32 10.22
CA TYR D 229 30.78 23.18 10.97
C TYR D 229 32.00 23.57 10.09
N GLU D 230 32.70 22.56 9.50
CA GLU D 230 33.88 22.72 8.65
C GLU D 230 33.55 23.49 7.36
N ALA D 231 32.37 23.21 6.78
CA ALA D 231 31.90 23.84 5.55
C ALA D 231 31.50 25.31 5.75
N VAL D 232 30.92 25.66 6.93
CA VAL D 232 30.49 27.04 7.20
C VAL D 232 31.65 27.95 7.66
N SER D 233 32.62 27.40 8.43
CA SER D 233 33.75 28.19 8.94
C SER D 233 35.06 28.03 8.17
N GLY D 234 35.47 26.78 7.91
CA GLY D 234 36.72 26.48 7.20
C GLY D 234 37.78 25.84 8.08
N LYS D 235 37.36 25.34 9.27
CA LYS D 235 38.17 24.69 10.29
C LYS D 235 37.28 23.75 11.10
N ARG D 236 37.75 22.51 11.32
CA ARG D 236 37.05 21.48 12.08
C ARG D 236 36.94 21.85 13.57
N PRO D 237 35.87 21.41 14.31
CA PRO D 237 35.79 21.74 15.73
C PRO D 237 36.90 21.12 16.59
N PHE D 238 36.92 19.79 16.71
CA PHE D 238 37.95 19.06 17.46
C PHE D 238 39.12 18.74 16.54
N ALA D 239 40.34 19.18 16.94
CA ALA D 239 41.58 18.98 16.17
C ALA D 239 42.78 18.69 17.07
N GLY D 240 43.60 17.73 16.65
CA GLY D 240 44.80 17.29 17.35
C GLY D 240 45.76 16.50 16.47
N ASP D 241 46.97 16.23 16.98
CA ASP D 241 47.99 15.48 16.24
C ASP D 241 47.60 14.03 15.94
N GLY D 242 46.91 13.40 16.90
CA GLY D 242 46.46 12.02 16.77
C GLY D 242 44.97 11.82 16.62
N ALA D 243 44.59 10.58 16.24
CA ALA D 243 43.21 10.13 16.02
C ALA D 243 42.47 9.94 17.34
N LEU D 244 43.13 9.31 18.33
CA LEU D 244 42.56 9.03 19.67
C LEU D 244 42.27 10.32 20.44
N TPO D 245 42.97 11.42 20.12
CA TPO D 245 42.77 12.72 20.75
CB TPO D 245 44.01 13.65 20.67
CG2 TPO D 245 43.79 15.08 21.22
OG1 TPO D 245 45.06 13.08 21.48
P TPO D 245 46.40 12.82 20.76
O1P TPO D 245 46.76 13.82 19.66
O2P TPO D 245 46.35 11.44 20.16
O3P TPO D 245 47.50 12.84 21.82
C TPO D 245 41.46 13.33 20.24
O TPO D 245 40.60 13.68 21.04
N VAL D 246 41.32 13.44 18.92
CA VAL D 246 40.13 14.01 18.26
C VAL D 246 38.86 13.25 18.68
N ALA D 247 38.93 11.90 18.73
CA ALA D 247 37.83 11.02 19.14
C ALA D 247 37.47 11.20 20.63
N MET D 248 38.49 11.36 21.53
CA MET D 248 38.26 11.58 22.96
C MET D 248 37.70 12.97 23.21
N LYS D 249 38.08 13.95 22.36
CA LYS D 249 37.60 15.33 22.41
C LYS D 249 36.09 15.33 22.14
N HIS D 250 35.64 14.51 21.16
CA HIS D 250 34.24 14.35 20.76
C HIS D 250 33.33 13.87 21.91
N ILE D 251 33.91 13.25 22.97
CA ILE D 251 33.15 12.70 24.10
C ILE D 251 33.13 13.65 25.31
N LYS D 252 34.30 13.91 25.90
CA LYS D 252 34.43 14.71 27.13
C LYS D 252 34.46 16.23 26.90
N GLU D 253 35.15 16.70 25.85
CA GLU D 253 35.30 18.13 25.56
C GLU D 253 34.13 18.75 24.78
N PRO D 254 33.65 19.97 25.17
CA PRO D 254 32.55 20.59 24.40
C PRO D 254 33.06 21.28 23.12
N PRO D 255 32.29 21.23 22.00
CA PRO D 255 32.76 21.85 20.75
C PRO D 255 33.15 23.33 20.85
N PRO D 256 34.28 23.77 20.23
CA PRO D 256 34.65 25.19 20.31
C PRO D 256 33.63 26.11 19.63
N PRO D 257 33.51 27.39 20.05
CA PRO D 257 32.49 28.26 19.44
C PRO D 257 32.77 28.67 17.99
N LEU D 258 31.69 28.78 17.21
CA LEU D 258 31.69 29.18 15.80
C LEU D 258 32.03 30.67 15.65
N PRO D 259 32.52 31.15 14.47
CA PRO D 259 32.84 32.59 14.34
C PRO D 259 31.63 33.51 14.49
N PRO D 260 31.78 34.74 15.10
CA PRO D 260 30.63 35.63 15.26
C PRO D 260 30.00 36.17 13.97
N ASP D 261 30.74 36.08 12.83
CA ASP D 261 30.29 36.49 11.49
C ASP D 261 29.09 35.66 11.02
N LEU D 262 28.93 34.45 11.60
CA LEU D 262 27.87 33.48 11.32
C LEU D 262 26.54 33.88 12.00
N PRO D 263 25.39 33.83 11.25
CA PRO D 263 24.09 34.19 11.85
C PRO D 263 23.67 33.32 13.05
N PRO D 264 22.84 33.84 14.00
CA PRO D 264 22.47 33.03 15.18
C PRO D 264 21.72 31.74 14.91
N ASN D 265 20.86 31.71 13.86
CA ASN D 265 20.09 30.52 13.49
C ASN D 265 20.99 29.40 12.96
N VAL D 266 22.07 29.74 12.24
CA VAL D 266 23.03 28.77 11.70
C VAL D 266 23.86 28.20 12.85
N ARG D 267 24.31 29.09 13.76
CA ARG D 267 25.10 28.79 14.96
C ARG D 267 24.35 27.79 15.86
N GLU D 268 23.05 28.06 16.15
CA GLU D 268 22.14 27.24 16.98
C GLU D 268 21.97 25.83 16.40
N LEU D 269 21.70 25.73 15.08
CA LEU D 269 21.50 24.48 14.33
C LEU D 269 22.70 23.52 14.48
N ILE D 270 23.93 24.04 14.36
CA ILE D 270 25.16 23.26 14.49
C ILE D 270 25.29 22.72 15.94
N GLU D 271 24.86 23.53 16.93
CA GLU D 271 24.92 23.18 18.35
C GLU D 271 23.89 22.14 18.80
N ILE D 272 22.69 22.07 18.14
CA ILE D 272 21.64 21.09 18.46
C ILE D 272 22.07 19.68 17.97
N THR D 273 22.76 19.62 16.83
CA THR D 273 23.29 18.38 16.24
C THR D 273 24.53 17.90 17.01
N LEU D 274 25.33 18.86 17.53
CA LEU D 274 26.54 18.58 18.28
C LEU D 274 26.35 18.57 19.80
N VAL D 275 25.47 17.66 20.27
CA VAL D 275 25.22 17.40 21.70
C VAL D 275 25.70 15.97 21.96
N LYS D 276 26.27 15.71 23.14
CA LYS D 276 26.83 14.39 23.47
C LYS D 276 25.77 13.29 23.55
N ASN D 277 24.57 13.61 24.08
CA ASN D 277 23.46 12.66 24.21
C ASN D 277 22.76 12.43 22.87
N PRO D 278 22.55 11.16 22.45
CA PRO D 278 21.87 10.92 21.15
C PRO D 278 20.34 11.15 21.16
N ALA D 279 19.76 11.44 22.34
CA ALA D 279 18.33 11.73 22.48
C ALA D 279 18.08 13.24 22.34
N MET D 280 19.02 14.07 22.84
CA MET D 280 18.95 15.53 22.82
C MET D 280 19.14 16.16 21.42
N ARG D 281 19.47 15.32 20.41
CA ARG D 281 19.65 15.71 19.01
C ARG D 281 18.62 15.04 18.09
N TYR D 282 18.53 15.52 16.83
CA TYR D 282 17.62 15.02 15.78
C TYR D 282 17.80 13.52 15.58
N ARG D 283 16.70 12.76 15.73
CA ARG D 283 16.69 11.30 15.64
C ARG D 283 16.95 10.75 14.23
N SER D 284 16.88 11.60 13.19
CA SER D 284 17.10 11.22 11.79
C SER D 284 17.54 12.42 10.92
N GLY D 285 17.97 12.12 9.68
CA GLY D 285 18.43 13.10 8.70
C GLY D 285 17.34 14.06 8.27
N GLY D 286 16.10 13.56 8.19
CA GLY D 286 14.89 14.28 7.83
C GLY D 286 14.55 15.41 8.80
N PRO D 287 14.29 15.12 10.12
CA PRO D 287 14.03 16.22 11.07
C PRO D 287 15.14 17.28 11.05
N PHE D 288 16.41 16.85 10.85
CA PHE D 288 17.57 17.72 10.72
C PHE D 288 17.43 18.59 9.46
N ALA D 289 17.15 17.96 8.30
CA ALA D 289 16.96 18.64 7.02
C ALA D 289 15.81 19.66 7.11
N ASP D 290 14.76 19.32 7.89
CA ASP D 290 13.61 20.18 8.14
C ASP D 290 14.04 21.41 8.93
N ALA D 291 14.97 21.22 9.89
CA ALA D 291 15.52 22.30 10.71
C ALA D 291 16.51 23.17 9.90
N VAL D 292 17.19 22.57 8.88
CA VAL D 292 18.13 23.29 8.00
C VAL D 292 17.32 24.22 7.08
N ALA D 293 16.17 23.72 6.58
CA ALA D 293 15.23 24.44 5.72
C ALA D 293 14.65 25.69 6.42
N ALA D 294 14.47 25.64 7.76
CA ALA D 294 13.98 26.75 8.59
C ALA D 294 15.01 27.89 8.64
N VAL D 295 16.29 27.54 8.87
CA VAL D 295 17.44 28.46 8.91
C VAL D 295 17.69 29.07 7.51
N ARG D 296 17.28 28.35 6.45
CA ARG D 296 17.40 28.82 5.07
C ARG D 296 16.38 29.93 4.82
N ALA D 297 15.14 29.77 5.34
CA ALA D 297 14.01 30.70 5.22
C ALA D 297 14.07 31.91 6.17
N GLY D 298 15.06 31.93 7.06
CA GLY D 298 15.27 33.00 8.03
C GLY D 298 14.81 32.64 9.43
N ARG D 299 14.06 31.53 9.56
CA ARG D 299 13.53 31.03 10.83
C ARG D 299 14.59 30.34 11.71
N ARG D 300 14.23 30.05 12.97
CA ARG D 300 15.07 29.40 13.99
C ARG D 300 15.06 27.87 13.81
N PRO D 301 16.11 27.13 14.23
CA PRO D 301 16.05 25.66 14.14
C PRO D 301 15.25 25.05 15.30
N PRO D 302 14.20 24.23 15.02
CA PRO D 302 13.39 23.68 16.13
C PRO D 302 14.10 22.68 17.06
N ARG D 303 13.40 22.28 18.14
CA ARG D 303 13.87 21.32 19.14
C ARG D 303 13.29 19.92 18.81
N PRO D 304 14.14 18.85 18.74
CA PRO D 304 13.60 17.52 18.41
C PRO D 304 12.83 16.87 19.56
C5 CJJ E . 3.39 0.79 -16.04
C6 CJJ E . 3.29 0.74 -14.58
C8 CJJ E . 2.12 0.74 -12.59
C10 CJJ E . 4.52 0.64 -12.61
N12 CJJ E . 5.74 0.57 -11.95
C13 CJJ E . 6.99 0.53 -12.59
C15 CJJ E . 8.63 0.24 -14.08
C20 CJJ E . 8.72 0.00 -16.69
C21 CJJ E . 9.69 1.09 -16.25
C1 CJJ E . 2.38 0.90 -16.94
C2 CJJ E . 2.80 0.92 -18.25
C3 CJJ E . 4.12 0.83 -18.46
S4 CJJ E . 4.92 0.74 -16.89
N7 CJJ E . 2.13 0.75 -13.91
C9 CJJ E . 3.33 0.67 -11.88
N11 CJJ E . 4.44 0.68 -13.93
C14 CJJ E . 7.29 0.13 -13.90
N16 CJJ E . 9.17 0.69 -12.95
N18 CJJ E . 8.13 0.86 -12.03
C19 CJJ E . 9.41 -0.10 -15.34
CL22 CJJ E . 3.38 0.59 -10.15
S23 CJJ E . 4.96 0.84 -20.02
O24 CJJ E . 4.80 -0.44 -20.64
O25 CJJ E . 4.58 2.06 -20.64
N26 CJJ E . 6.59 0.97 -19.69
C1 0BD F . 0.15 14.05 -4.60
C2 0BD F . 0.29 14.95 -3.37
C3 0BD F . 1.29 16.08 -3.60
C4 0BD F . 1.02 16.80 -4.92
O5 0BD F . 0.93 15.84 -6.00
C6 0BD F . -0.11 14.90 -5.84
O7 0BD F . 1.24 17.01 -2.50
O16 0BD F . -0.10 14.07 -6.99
C18 0BD F . -1.01 14.46 -8.05
C19 0BD F . -0.40 14.62 -9.44
C22 0BD F . 0.93 15.40 -9.60
O49 0BD F . -0.90 13.11 -4.40
O55 0BD F . 0.68 14.17 -2.24
C57 0BD F . 2.07 17.80 -5.34
O61 0BD F . 3.39 17.25 -5.46
C10 0BD F . 2.47 17.32 -1.86
C14 0BD F . 0.96 16.83 -9.11
C13 0BD F . 2.16 14.65 -9.21
C 0BD F . -2.06 13.36 -8.11
C12 0BD F . -3.52 13.80 -8.23
C16 0BD F . -4.40 12.58 -8.36
C15 0BD F . -3.99 14.63 -7.05
O71 0BD F . 3.21 18.23 -2.65
C17 0BD F . 2.22 17.94 -0.49
C181 0BD F . 4.53 18.55 -2.15
C191 0BD F . 3.59 18.15 0.17
C20 0BD F . 4.47 19.07 -0.70
O8 0BD F . 1.31 17.19 0.30
C21 0BD F . 5.21 19.44 -3.19
O9 0BD F . 4.23 16.90 0.42
O10 0BD F . 3.98 20.41 -0.65
O11 0BD F . 5.91 20.57 -2.71
C5 CJJ G . -11.02 -18.20 -5.12
C6 CJJ G . -10.89 -16.76 -5.32
C8 CJJ G . -9.87 -14.88 -6.21
C10 CJJ G . -11.85 -14.69 -4.83
N12 CJJ G . -12.83 -13.94 -4.20
C13 CJJ G . -13.98 -14.46 -3.56
C15 CJJ G . -15.56 -15.84 -2.77
C20 CJJ G . -15.83 -18.45 -2.74
C21 CJJ G . -15.98 -17.94 -1.31
C1 CJJ G . -10.21 -19.21 -5.52
C2 CJJ G . -10.64 -20.46 -5.15
C3 CJJ G . -11.79 -20.51 -4.45
S4 CJJ G . -12.38 -18.87 -4.23
N7 CJJ G . -9.92 -16.20 -6.06
C9 CJJ G . -10.85 -14.08 -5.60
N11 CJJ G . -11.81 -16.02 -4.73
C14 CJJ G . -14.42 -15.79 -3.50
N16 CJJ G . -15.84 -14.58 -2.38
N18 CJJ G . -14.86 -13.76 -2.90
C19 CJJ G . -16.40 -17.05 -2.47
CL22 CJJ G . -10.84 -12.35 -5.80
S23 CJJ G . -12.58 -21.97 -3.80
O24 CJJ G . -12.54 -22.97 -4.82
O25 CJJ G . -12.01 -22.14 -2.51
N26 CJJ G . -14.18 -21.66 -3.53
C5 CJJ H . -31.38 -3.12 17.69
C6 CJJ H . -30.97 -4.39 18.29
C8 CJJ H . -30.46 -5.72 20.12
C10 CJJ H . -30.31 -6.60 17.89
N12 CJJ H . -30.08 -7.63 16.98
C13 CJJ H . -29.65 -7.36 15.68
C15 CJJ H . -29.58 -6.57 13.59
C20 CJJ H . -30.86 -4.67 12.32
C21 CJJ H . -29.35 -4.47 12.15
C1 CJJ H . -31.49 -1.93 18.32
C2 CJJ H . -31.90 -0.89 17.51
C3 CJJ H . -32.09 -1.20 16.21
S4 CJJ H . -31.75 -2.91 15.99
N7 CJJ H . -30.85 -4.55 19.60
C9 CJJ H . -30.17 -6.79 19.27
N11 CJJ H . -30.71 -5.40 17.45
C14 CJJ H . -30.35 -6.65 14.69
N16 CJJ H . -28.43 -7.22 13.85
N18 CJJ H . -28.50 -7.70 15.16
C19 CJJ H . -29.92 -5.88 12.30
CL22 CJJ H . -29.68 -8.33 19.92
S23 CJJ H . -32.60 -0.08 14.94
O24 CJJ H . -34.02 -0.02 14.98
O25 CJJ H . -31.76 1.06 15.06
N26 CJJ H . -32.21 -0.80 13.49
C5 CJJ I . 35.23 9.11 -5.26
C6 CJJ I . 35.04 9.77 -6.56
C8 CJJ I . 35.48 11.40 -8.14
C10 CJJ I . 33.76 9.75 -8.51
N12 CJJ I . 32.76 9.14 -9.28
C13 CJJ I . 31.83 8.19 -8.80
C15 CJJ I . 30.79 6.60 -7.60
C20 CJJ I . 31.03 4.17 -6.73
C21 CJJ I . 31.48 5.07 -5.58
C1 CJJ I . 36.19 9.31 -4.33
C2 CJJ I . 36.09 8.49 -3.23
C3 CJJ I . 35.05 7.63 -3.23
S4 CJJ I . 34.13 7.84 -4.72
N7 CJJ I . 35.74 10.84 -6.95
C9 CJJ I . 34.49 10.87 -8.96
N11 CJJ I . 34.08 9.25 -7.31
C14 CJJ I . 31.92 7.34 -7.68
N16 CJJ I . 30.02 6.95 -8.64
N18 CJJ I . 30.69 7.93 -9.37
C19 CJJ I . 30.43 5.57 -6.57
CL22 CJJ I . 34.18 11.56 -10.54
S23 CJJ I . 34.61 6.47 -1.96
O24 CJJ I . 35.65 5.49 -1.92
O25 CJJ I . 34.24 7.25 -0.83
N26 CJJ I . 33.23 5.69 -2.44
#